data_5WTK
#
_entry.id   5WTK
#
_cell.length_a   86.589
_cell.length_b   137.051
_cell.length_c   153.877
_cell.angle_alpha   90.00
_cell.angle_beta   90.00
_cell.angle_gamma   90.00
#
_symmetry.space_group_name_H-M   'P 21 21 21'
#
loop_
_entity.id
_entity.type
_entity.pdbx_description
1 polymer 'CRISPR-associated endoribonuclease C2c2'
2 polymer 'RNA (58-MER)'
3 water water
#
loop_
_entity_poly.entity_id
_entity_poly.type
_entity_poly.pdbx_seq_one_letter_code
_entity_poly.pdbx_strand_id
1 'polypeptide(L)'
;MGNLFGHKRWYEVRDKKDFKIKRKVKVKRNYDGNKYILNINENNNKEKIDNNKFIRKYINYKKNDNILKEFTRKFHAGNI
LFKLKGKEGIIRIENNDDFLETEEVVLYIEAYGKSEKLKALGITKKKIIDEAIRQGITKDDKKIEIKRQENEEEIEIDIR
DEYTNKTLNDCSIILRIIENDELETKKSIYEIFKNINMSLYKIIEKIIENETEKVFENRYYEEHLREKLLKDDKIDVILT
NFMEIREKIKSNLEILGFVKFYLNVGGDKKKSKNKKMLVEKILNINVDLTVEDIADFVIKELEFWNITKRIEKVKKVNNE
FLEKRRNRTYIKSYVLLDKHEKFKIERENKKDKIVKFFVENIKNNSIKEKIEKILAEFKIDELIKKLEKELKKGNCDTEI
FGIFKKHYKVNFDSKKFSKKSDEEKELYKIIYRYLKGRIEKILVNEQKVRLKKMEKIEIEKILNESILSEKILKRVKQYT
LEHIMYLGKLRHNDIDMTTVNTDDFSRLHAKEELDLELITFFASTNMELNKIFSRENINNDENIDFFGGDREKNYVLDKK
ILNSKIKIIRDLDFIDNKNNITNNFIRKFTKIGTNERNRILHAISKERDLQGTQDDYNKVINIIQNLKISDEEVSKALNL
DVVFKDKKNIITKINDIKISEENNNDIKYLPSFSKVLPEILNLYRNNPKNEPFDTIETEKIVLNALIYVNKELYKKLILE
DDLEENESKNIFLQELKKTLGNIDEIDENIIENYYKNAQISASKGNNKAIKKYQKKVIECYIGYLRKNYEELFDFSDFKM
NIQEIKKQIKDINDNKTYERITVKTSDKTIVINDDFEYIISIFALLNSNAVINKIRNRFFATSVWLNTSEYQNIIDILDE
IMQLNTLRNECITENWNLNLEEFIQKMKEIEKDFDDFKIQTKKEIFNNYYEDIKNNILTEFKDDINGCDVLEKKLEKIVI
FDDETKFEIDKKSNILQDEQRKLSNINKKDLKKKVDQYIKDKDQEIKSKILCRIIFNSDFLKKYKKEIDNLIEDMESENE
NKFQEIYYPKERKNELYIYKKNLFLNIGNPNFDKIYGLISNDIKMADAKFLFNIDGKNIRKNKISEIDAILKNLNDKLNG
YSKEYKEKYIKKLKENDDFFAKNIQNKNYKSFEKDYNRVSEYKKIRDLVEFNYLNKIESYLIDINWKLAIQMARFERDMH
YIVNGLRELGIIKLSGYNTGISRAYPKRNGSDGFYTTTAYYKFFDEESYKKFEKICYGFGIDLSENSEINKPENESIRNY
ISHFYIVRNPFADYSIAEQIDRVSNLLSYSTRYNNSTYASVFEVFKKDVNLDYDELKKKFKLIGNNDILERLMKPKKVSV
LELESYNSDYIKNLIIELLTKIENTNDTLLEHHHHHH
;
A
2 'polyribonucleotide' GGCCACCCCAAUAUCGAAGGGGACUAAAACGACAAAUCUAUCUGAAUAAACUCUUCUU B
#
loop_
_chem_comp.id
_chem_comp.type
_chem_comp.name
_chem_comp.formula
A RNA linking ADENOSINE-5'-MONOPHOSPHATE 'C10 H14 N5 O7 P'
C RNA linking CYTIDINE-5'-MONOPHOSPHATE 'C9 H14 N3 O8 P'
G RNA linking GUANOSINE-5'-MONOPHOSPHATE 'C10 H14 N5 O8 P'
U RNA linking URIDINE-5'-MONOPHOSPHATE 'C9 H13 N2 O9 P'
#
# COMPACT_ATOMS: atom_id res chain seq x y z
N GLY A 2 -10.63 19.70 11.49
CA GLY A 2 -11.80 19.10 10.79
C GLY A 2 -11.62 19.41 9.33
N ASN A 3 -12.71 19.35 8.59
CA ASN A 3 -12.66 19.51 7.14
C ASN A 3 -13.92 20.13 6.62
N LEU A 4 -13.76 20.93 5.57
CA LEU A 4 -14.82 21.27 4.65
C LEU A 4 -14.44 20.56 3.40
N PHE A 5 -15.39 20.25 2.54
CA PHE A 5 -15.02 19.49 1.32
C PHE A 5 -14.33 18.18 1.71
N GLY A 6 -14.83 17.53 2.77
CA GLY A 6 -14.24 16.28 3.30
C GLY A 6 -15.26 15.22 3.69
N HIS A 7 -14.88 14.32 4.61
CA HIS A 7 -15.82 13.31 5.13
C HIS A 7 -16.68 13.83 6.28
N LYS A 8 -16.15 14.69 7.13
CA LYS A 8 -16.99 15.31 8.15
C LYS A 8 -18.15 16.05 7.50
N ARG A 9 -19.36 15.72 7.96
CA ARG A 9 -20.56 16.41 7.50
C ARG A 9 -20.84 17.49 8.51
N TRP A 10 -20.56 18.72 8.12
CA TRP A 10 -20.76 19.91 8.95
C TRP A 10 -21.81 20.81 8.37
N TYR A 11 -22.01 20.74 7.06
CA TYR A 11 -22.95 21.59 6.38
C TYR A 11 -24.36 20.96 6.50
N GLU A 12 -25.33 21.82 6.73
CA GLU A 12 -26.67 21.40 7.14
C GLU A 12 -27.74 21.76 6.13
N VAL A 13 -28.47 20.75 5.69
CA VAL A 13 -29.57 20.97 4.77
C VAL A 13 -30.83 20.31 5.32
N ARG A 14 -31.96 21.01 5.24
CA ARG A 14 -33.22 20.48 5.76
C ARG A 14 -33.74 19.26 4.99
N ASP A 15 -34.30 18.29 5.73
CA ASP A 15 -34.80 17.06 5.13
C ASP A 15 -36.09 17.25 4.33
N LYS A 16 -36.15 16.65 3.15
CA LYS A 16 -37.32 16.76 2.28
C LYS A 16 -38.64 16.15 2.78
N LYS A 17 -38.59 14.95 3.36
CA LYS A 17 -39.82 14.32 3.82
C LYS A 17 -40.49 15.09 4.94
N ASP A 18 -39.74 15.39 5.98
CA ASP A 18 -40.25 16.27 7.01
C ASP A 18 -39.32 17.45 7.03
N PHE A 19 -39.87 18.62 6.73
CA PHE A 19 -39.07 19.81 6.57
C PHE A 19 -38.37 20.23 7.85
N LYS A 20 -39.05 20.04 8.98
CA LYS A 20 -38.47 20.43 10.25
C LYS A 20 -37.20 19.68 10.60
N ILE A 21 -37.15 18.39 10.27
CA ILE A 21 -35.98 17.59 10.60
C ILE A 21 -34.76 18.12 9.86
N LYS A 22 -33.64 18.18 10.57
CA LYS A 22 -32.42 18.70 9.97
C LYS A 22 -31.44 17.58 9.68
N ARG A 23 -31.03 17.47 8.42
CA ARG A 23 -30.14 16.42 7.98
C ARG A 23 -28.84 17.03 7.52
N LYS A 24 -27.74 16.37 7.88
CA LYS A 24 -26.42 16.93 7.72
C LYS A 24 -25.73 16.31 6.52
N VAL A 25 -24.94 17.11 5.81
CA VAL A 25 -24.40 16.76 4.51
C VAL A 25 -22.92 17.09 4.36
N LYS A 26 -22.22 16.30 3.56
CA LYS A 26 -20.86 16.65 3.17
C LYS A 26 -20.91 17.47 1.89
N VAL A 27 -20.13 18.54 1.83
CA VAL A 27 -20.15 19.48 0.70
C VAL A 27 -18.76 19.60 0.15
N LYS A 28 -18.65 19.97 -1.12
CA LYS A 28 -17.41 19.83 -1.92
C LYS A 28 -17.20 20.98 -2.92
N ARG A 29 -15.96 21.12 -3.40
CA ARG A 29 -15.60 21.97 -4.57
C ARG A 29 -15.53 21.18 -5.86
N ASN A 30 -16.13 21.70 -6.91
CA ASN A 30 -16.02 21.13 -8.25
C ASN A 30 -15.75 22.19 -9.28
N TYR A 31 -14.83 21.92 -10.19
CA TYR A 31 -14.54 22.84 -11.26
C TYR A 31 -15.61 22.73 -12.30
N ASP A 32 -16.22 23.86 -12.66
CA ASP A 32 -17.35 23.85 -13.57
C ASP A 32 -16.97 24.09 -15.01
N GLY A 33 -15.70 24.32 -15.26
CA GLY A 33 -15.30 24.80 -16.57
C GLY A 33 -14.36 25.97 -16.45
N ASN A 34 -14.87 27.13 -16.09
CA ASN A 34 -13.99 28.27 -15.88
C ASN A 34 -13.70 28.60 -14.41
N LYS A 35 -14.51 28.10 -13.51
CA LYS A 35 -14.41 28.48 -12.12
C LYS A 35 -14.82 27.34 -11.22
N TYR A 36 -14.38 27.37 -9.98
CA TYR A 36 -14.88 26.44 -8.99
C TYR A 36 -16.30 26.81 -8.62
N ILE A 37 -17.12 25.79 -8.41
CA ILE A 37 -18.43 25.98 -7.84
C ILE A 37 -18.57 24.99 -6.70
N LEU A 38 -19.55 25.27 -5.83
CA LEU A 38 -19.79 24.42 -4.70
C LEU A 38 -20.99 23.56 -4.91
N ASN A 39 -20.79 22.26 -4.86
CA ASN A 39 -21.89 21.31 -4.88
C ASN A 39 -22.00 20.54 -3.58
N ILE A 40 -23.22 20.21 -3.18
CA ILE A 40 -23.35 19.34 -2.02
C ILE A 40 -22.88 17.99 -2.51
N ASN A 41 -22.33 17.19 -1.62
CA ASN A 41 -21.68 15.96 -2.05
C ASN A 41 -22.18 14.72 -1.35
N GLU A 42 -23.38 14.31 -1.69
CA GLU A 42 -23.99 13.12 -1.15
C GLU A 42 -24.54 12.37 -2.32
N ASN A 43 -24.70 11.06 -2.18
CA ASN A 43 -25.21 10.26 -3.28
C ASN A 43 -26.59 10.72 -3.67
N ASN A 44 -27.39 11.02 -2.66
CA ASN A 44 -28.72 11.59 -2.85
C ASN A 44 -28.73 12.99 -3.45
N ASN A 45 -27.82 13.84 -3.02
CA ASN A 45 -27.86 15.24 -3.41
C ASN A 45 -26.58 15.77 -4.00
N LYS A 46 -26.67 16.40 -5.15
CA LYS A 46 -25.50 17.02 -5.77
C LYS A 46 -25.74 18.48 -6.14
N GLU A 47 -26.65 19.12 -5.41
CA GLU A 47 -27.12 20.45 -5.73
C GLU A 47 -26.03 21.50 -5.61
N LYS A 48 -26.13 22.53 -6.44
CA LYS A 48 -25.20 23.64 -6.36
C LYS A 48 -25.43 24.43 -5.09
N ILE A 49 -24.38 25.05 -4.58
CA ILE A 49 -24.49 25.86 -3.38
C ILE A 49 -24.07 27.28 -3.69
N ASP A 50 -24.86 28.24 -3.24
CA ASP A 50 -24.49 29.64 -3.40
C ASP A 50 -23.28 29.95 -2.55
N ASN A 51 -22.31 30.66 -3.11
CA ASN A 51 -21.08 30.92 -2.40
C ASN A 51 -21.37 31.71 -1.16
N ASN A 52 -22.22 32.69 -1.30
CA ASN A 52 -22.60 33.56 -0.19
C ASN A 52 -23.38 32.89 0.94
N LYS A 53 -24.33 32.03 0.59
CA LYS A 53 -25.05 31.31 1.62
C LYS A 53 -24.02 30.48 2.33
N PHE A 54 -23.16 29.85 1.54
CA PHE A 54 -22.21 28.90 2.07
C PHE A 54 -21.19 29.47 3.04
N ILE A 55 -20.57 30.58 2.69
CA ILE A 55 -19.49 31.10 3.52
C ILE A 55 -20.02 31.52 4.90
N ARG A 56 -21.21 32.08 4.91
CA ARG A 56 -21.86 32.48 6.15
C ARG A 56 -22.13 31.25 7.01
N LYS A 57 -22.60 30.19 6.39
CA LYS A 57 -22.87 28.95 7.10
C LYS A 57 -21.61 28.38 7.68
N TYR A 58 -20.51 28.48 6.94
CA TYR A 58 -19.25 28.04 7.47
C TYR A 58 -18.83 28.87 8.69
N ILE A 59 -18.94 30.18 8.59
CA ILE A 59 -18.62 31.05 9.72
C ILE A 59 -19.59 30.87 10.86
N ASN A 60 -20.86 30.73 10.53
CA ASN A 60 -21.89 30.51 11.55
C ASN A 60 -21.64 29.18 12.23
N TYR A 61 -21.51 28.12 11.44
CA TYR A 61 -21.10 26.82 11.95
C TYR A 61 -19.91 26.94 12.91
N LYS A 62 -18.88 27.67 12.53
CA LYS A 62 -17.65 27.70 13.34
C LYS A 62 -17.76 28.34 14.72
N LYS A 63 -18.78 29.15 14.96
CA LYS A 63 -18.92 29.78 16.25
C LYS A 63 -20.11 29.32 17.05
N ASN A 64 -20.89 28.41 16.50
CA ASN A 64 -22.13 28.03 17.14
C ASN A 64 -21.92 27.33 18.46
N ASP A 65 -22.65 27.77 19.48
CA ASP A 65 -22.68 27.09 20.75
C ASP A 65 -23.78 26.06 20.72
N ASN A 66 -23.57 25.08 19.88
CA ASN A 66 -24.44 23.95 19.70
C ASN A 66 -24.51 23.10 20.95
N ILE A 67 -23.38 23.02 21.64
CA ILE A 67 -23.07 21.92 22.52
C ILE A 67 -24.04 21.71 23.68
N LEU A 68 -24.42 22.77 24.37
CA LEU A 68 -25.28 22.58 25.53
C LEU A 68 -26.65 22.04 25.18
N LYS A 69 -27.25 22.59 24.14
CA LYS A 69 -28.54 22.13 23.69
C LYS A 69 -28.36 20.71 23.23
N GLU A 70 -27.26 20.47 22.54
CA GLU A 70 -26.98 19.16 22.01
C GLU A 70 -26.76 18.11 23.09
N PHE A 71 -26.02 18.43 24.13
CA PHE A 71 -25.75 17.44 25.16
C PHE A 71 -27.03 17.02 25.85
N THR A 72 -27.86 18.00 26.15
CA THR A 72 -29.16 17.72 26.71
C THR A 72 -30.10 17.02 25.75
N ARG A 73 -30.06 17.40 24.49
CA ARG A 73 -30.98 16.85 23.49
C ARG A 73 -30.83 15.36 23.28
N LYS A 74 -29.59 14.90 23.12
CA LYS A 74 -29.26 13.48 23.12
C LYS A 74 -29.38 12.75 24.47
N PHE A 75 -29.00 13.43 25.55
CA PHE A 75 -28.84 12.78 26.83
C PHE A 75 -29.58 13.49 27.95
N HIS A 76 -29.99 12.72 28.94
CA HIS A 76 -30.59 13.26 30.13
C HIS A 76 -30.11 12.36 31.23
N ALA A 77 -30.11 12.81 32.46
CA ALA A 77 -29.67 11.92 33.52
C ALA A 77 -30.60 10.73 33.48
N GLY A 78 -30.04 9.54 33.61
CA GLY A 78 -30.81 8.32 33.54
C GLY A 78 -30.94 7.76 32.15
N ASN A 79 -30.49 8.49 31.14
CA ASN A 79 -30.25 7.92 29.83
C ASN A 79 -28.79 8.05 29.41
N ILE A 80 -27.99 8.74 30.22
CA ILE A 80 -26.63 9.00 29.82
C ILE A 80 -25.83 7.72 29.67
N LEU A 81 -26.02 6.77 30.57
CA LEU A 81 -25.30 5.52 30.45
C LEU A 81 -26.19 4.31 30.70
N PHE A 82 -26.63 4.19 31.94
CA PHE A 82 -27.37 3.01 32.37
C PHE A 82 -28.71 2.81 31.69
N LYS A 83 -29.38 3.90 31.34
CA LYS A 83 -30.75 3.81 30.90
C LYS A 83 -31.61 3.27 32.03
N LEU A 84 -31.27 3.65 33.25
CA LEU A 84 -32.12 3.35 34.39
C LEU A 84 -33.06 4.52 34.49
N LYS A 85 -34.31 4.29 34.10
CA LYS A 85 -35.24 5.38 33.86
C LYS A 85 -36.70 5.02 34.15
N GLY A 86 -37.52 6.02 34.41
CA GLY A 86 -38.95 5.82 34.54
C GLY A 86 -39.69 7.14 34.53
N LYS A 87 -40.02 7.59 35.73
CA LYS A 87 -40.58 8.92 35.95
C LYS A 87 -42.08 9.05 35.67
N GLU A 88 -42.75 7.93 35.42
CA GLU A 88 -44.20 7.95 35.28
C GLU A 88 -44.72 8.91 34.23
N GLY A 89 -44.08 8.92 33.06
CA GLY A 89 -44.47 9.76 31.95
C GLY A 89 -43.70 11.05 31.80
N ILE A 90 -42.67 11.22 32.62
CA ILE A 90 -41.79 12.35 32.44
C ILE A 90 -40.54 11.87 31.71
N ILE A 91 -40.20 12.55 30.63
CA ILE A 91 -39.16 12.12 29.70
C ILE A 91 -37.72 12.17 30.19
N ARG A 92 -37.33 13.26 30.84
CA ARG A 92 -35.95 13.35 31.33
C ARG A 92 -35.92 14.16 32.60
N ILE A 93 -35.27 13.69 33.65
CA ILE A 93 -35.15 14.54 34.82
C ILE A 93 -34.12 14.13 35.86
N GLU A 94 -33.69 15.08 36.68
CA GLU A 94 -32.83 14.81 37.82
C GLU A 94 -33.12 15.73 38.99
N ASN A 95 -32.98 15.25 40.23
CA ASN A 95 -32.85 13.82 40.52
C ASN A 95 -34.10 13.05 40.16
N ASN A 96 -35.26 13.63 40.49
CA ASN A 96 -36.52 13.01 40.11
C ASN A 96 -36.64 13.20 38.63
N ASP A 97 -37.49 12.39 38.01
CA ASP A 97 -38.26 11.42 38.78
C ASP A 97 -37.92 10.01 38.38
N ASP A 98 -36.90 9.43 39.01
CA ASP A 98 -36.59 8.04 38.77
C ASP A 98 -37.78 7.26 39.32
N PHE A 99 -38.29 6.31 38.55
CA PHE A 99 -39.37 5.48 39.06
C PHE A 99 -38.73 4.37 39.85
N LEU A 100 -38.23 4.72 41.02
CA LEU A 100 -37.35 3.85 41.80
C LEU A 100 -38.05 2.64 42.41
N GLU A 101 -37.27 1.62 42.73
CA GLU A 101 -37.83 0.45 43.38
C GLU A 101 -38.95 -0.14 42.56
N THR A 102 -38.71 -0.23 41.27
CA THR A 102 -39.66 -0.86 40.37
C THR A 102 -38.91 -1.53 39.22
N LEU A 175 -40.29 -18.73 24.20
CA LEU A 175 -39.78 -17.64 25.01
C LEU A 175 -40.08 -17.91 26.47
N ARG A 176 -39.05 -17.81 27.31
CA ARG A 176 -39.17 -18.23 28.70
C ARG A 176 -39.06 -17.07 29.69
N ILE A 177 -40.01 -17.01 30.62
CA ILE A 177 -40.00 -15.98 31.66
C ILE A 177 -39.66 -16.62 32.99
N ILE A 178 -38.62 -16.12 33.65
CA ILE A 178 -38.22 -16.71 34.93
C ILE A 178 -38.25 -15.68 36.04
N GLU A 179 -39.08 -15.92 37.05
CA GLU A 179 -39.18 -15.02 38.17
C GLU A 179 -38.85 -15.78 39.43
N ASN A 180 -37.95 -15.23 40.25
CA ASN A 180 -37.47 -15.94 41.42
C ASN A 180 -37.44 -15.13 42.69
N ASP A 181 -37.51 -15.83 43.81
CA ASP A 181 -37.28 -15.27 45.14
C ASP A 181 -36.12 -16.03 45.81
N GLU A 182 -35.14 -15.32 46.37
CA GLU A 182 -35.14 -13.86 46.39
C GLU A 182 -33.82 -13.29 45.92
N LEU A 183 -33.89 -12.09 45.35
CA LEU A 183 -32.71 -11.30 45.06
C LEU A 183 -32.93 -9.87 45.56
N GLU A 184 -32.89 -9.69 46.88
CA GLU A 184 -33.05 -8.37 47.46
C GLU A 184 -31.94 -7.39 47.11
N THR A 185 -30.72 -7.90 47.01
CA THR A 185 -29.53 -7.07 46.85
C THR A 185 -29.54 -6.24 45.58
N LYS A 186 -30.09 -6.79 44.50
CA LYS A 186 -30.05 -6.10 43.22
C LYS A 186 -30.75 -4.77 43.32
N LYS A 187 -31.83 -4.73 44.08
CA LYS A 187 -32.56 -3.49 44.26
C LYS A 187 -31.57 -2.51 44.85
N SER A 188 -30.70 -2.98 45.73
CA SER A 188 -29.67 -2.12 46.25
C SER A 188 -28.76 -1.64 45.16
N ILE A 189 -28.43 -2.50 44.21
CA ILE A 189 -27.53 -2.09 43.14
C ILE A 189 -28.23 -1.25 42.09
N TYR A 190 -29.51 -1.52 41.81
CA TYR A 190 -30.27 -0.58 40.97
C TYR A 190 -29.99 0.84 41.41
N GLU A 191 -30.14 1.13 42.68
CA GLU A 191 -29.95 2.50 43.10
C GLU A 191 -28.52 2.84 42.74
N ILE A 192 -27.61 1.90 42.94
CA ILE A 192 -26.20 2.16 42.65
C ILE A 192 -26.05 2.63 41.19
N PHE A 193 -26.78 1.99 40.28
CA PHE A 193 -26.81 2.43 38.88
C PHE A 193 -27.10 3.92 38.80
N LYS A 194 -28.22 4.33 39.37
CA LYS A 194 -28.65 5.72 39.27
C LYS A 194 -27.70 6.70 39.94
N ASN A 195 -27.23 6.41 41.13
CA ASN A 195 -26.19 7.27 41.71
C ASN A 195 -25.03 7.40 40.73
N ILE A 196 -24.79 6.35 39.94
CA ILE A 196 -23.74 6.35 38.94
C ILE A 196 -24.16 7.27 37.80
N ASN A 197 -25.24 6.92 37.12
CA ASN A 197 -25.59 7.65 35.93
C ASN A 197 -25.84 9.13 36.23
N MET A 198 -26.54 9.42 37.31
CA MET A 198 -26.87 10.80 37.64
C MET A 198 -25.63 11.63 37.91
N SER A 199 -24.67 11.06 38.60
CA SER A 199 -23.49 11.81 38.93
C SER A 199 -22.81 12.20 37.64
N LEU A 200 -22.78 11.27 36.69
CA LEU A 200 -22.12 11.49 35.43
C LEU A 200 -22.75 12.61 34.61
N TYR A 201 -24.06 12.61 34.52
CA TYR A 201 -24.73 13.58 33.69
C TYR A 201 -24.40 14.95 34.21
N LYS A 202 -24.45 15.07 35.52
CA LYS A 202 -24.18 16.32 36.20
C LYS A 202 -22.75 16.76 36.00
N ILE A 203 -21.83 15.81 36.05
CA ILE A 203 -20.43 16.16 35.98
C ILE A 203 -20.19 16.85 34.67
N ILE A 204 -20.74 16.28 33.61
CA ILE A 204 -20.63 16.85 32.28
C ILE A 204 -21.34 18.17 32.11
N GLU A 205 -22.55 18.25 32.65
CA GLU A 205 -23.37 19.43 32.44
C GLU A 205 -22.69 20.63 33.03
N LYS A 206 -22.12 20.47 34.21
CA LYS A 206 -21.46 21.58 34.85
C LYS A 206 -20.31 22.04 33.99
N ILE A 207 -19.52 21.09 33.49
CA ILE A 207 -18.34 21.44 32.70
C ILE A 207 -18.75 22.15 31.42
N ILE A 208 -19.77 21.64 30.77
CA ILE A 208 -20.30 22.31 29.60
C ILE A 208 -20.83 23.65 30.02
N GLU A 209 -21.25 23.73 31.27
CA GLU A 209 -21.86 24.92 31.81
C GLU A 209 -20.79 25.93 32.20
N ASN A 210 -19.53 25.63 31.95
CA ASN A 210 -18.47 26.39 32.53
C ASN A 210 -18.48 27.86 32.19
N GLU A 211 -18.66 28.21 30.92
CA GLU A 211 -18.67 29.62 30.47
C GLU A 211 -18.41 29.84 28.96
N THR A 212 -17.15 30.02 28.61
CA THR A 212 -16.73 30.50 27.29
C THR A 212 -17.11 29.58 26.15
N GLU A 213 -16.97 28.27 26.34
CA GLU A 213 -16.25 27.69 27.47
C GLU A 213 -14.75 27.80 27.29
N LYS A 214 -14.03 27.65 28.38
CA LYS A 214 -12.59 27.59 28.30
C LYS A 214 -12.21 26.39 27.47
N VAL A 215 -12.93 25.30 27.68
CA VAL A 215 -12.65 24.00 27.07
C VAL A 215 -12.79 23.81 25.56
N PHE A 216 -13.86 24.34 24.98
CA PHE A 216 -14.19 24.01 23.60
C PHE A 216 -13.73 25.06 22.62
N GLU A 217 -12.97 26.01 23.11
CA GLU A 217 -12.49 27.09 22.29
C GLU A 217 -11.12 26.75 21.77
N ASN A 218 -10.68 25.53 22.00
CA ASN A 218 -9.31 25.20 21.64
C ASN A 218 -9.34 24.35 20.38
N ARG A 219 -8.19 24.23 19.74
CA ARG A 219 -8.05 23.32 18.60
C ARG A 219 -8.00 21.84 19.02
N TYR A 220 -7.37 21.55 20.16
CA TYR A 220 -7.41 20.20 20.69
C TYR A 220 -8.40 20.19 21.84
N TYR A 221 -9.64 20.49 21.52
CA TYR A 221 -10.67 20.65 22.52
C TYR A 221 -11.00 19.38 23.27
N GLU A 222 -11.00 18.26 22.58
CA GLU A 222 -11.39 17.01 23.22
C GLU A 222 -10.45 16.70 24.37
N GLU A 223 -9.17 16.93 24.16
CA GLU A 223 -8.17 16.66 25.20
C GLU A 223 -8.36 17.53 26.44
N HIS A 224 -8.67 18.79 26.25
CA HIS A 224 -8.89 19.68 27.36
C HIS A 224 -10.08 19.19 28.14
N LEU A 225 -11.09 18.73 27.42
CA LEU A 225 -12.28 18.26 28.08
C LEU A 225 -11.85 17.09 28.94
N ARG A 226 -10.98 16.25 28.40
CA ARG A 226 -10.57 15.06 29.12
C ARG A 226 -9.85 15.41 30.40
N GLU A 227 -8.92 16.36 30.34
CA GLU A 227 -8.16 16.70 31.52
C GLU A 227 -9.07 17.28 32.57
N LYS A 228 -10.02 18.10 32.16
CA LYS A 228 -10.98 18.67 33.08
C LYS A 228 -11.85 17.60 33.70
N LEU A 229 -12.24 16.63 32.90
CA LEU A 229 -13.08 15.54 33.36
C LEU A 229 -12.38 14.70 34.41
N LEU A 230 -11.12 14.38 34.17
CA LEU A 230 -10.33 13.55 35.06
C LEU A 230 -10.11 14.20 36.40
N LYS A 231 -9.84 15.49 36.36
CA LYS A 231 -9.31 16.19 37.49
C LYS A 231 -10.39 16.55 38.50
N ASP A 232 -10.09 16.23 39.76
CA ASP A 232 -10.79 16.81 40.88
C ASP A 232 -12.29 16.66 40.74
N ASP A 233 -12.75 15.48 40.38
CA ASP A 233 -14.19 15.31 40.18
C ASP A 233 -14.82 14.11 40.87
N LYS A 234 -16.15 14.14 40.90
CA LYS A 234 -16.98 13.15 41.56
C LYS A 234 -16.85 11.81 40.84
N ILE A 235 -16.15 11.82 39.72
CA ILE A 235 -15.99 10.66 38.89
C ILE A 235 -15.37 9.55 39.71
N ASP A 236 -14.42 9.90 40.56
CA ASP A 236 -13.71 8.91 41.37
C ASP A 236 -14.68 8.15 42.26
N VAL A 237 -15.67 8.83 42.78
CA VAL A 237 -16.70 8.15 43.55
C VAL A 237 -17.38 7.16 42.62
N ILE A 238 -17.58 7.57 41.37
CA ILE A 238 -18.27 6.73 40.40
C ILE A 238 -17.47 5.45 40.22
N LEU A 239 -16.15 5.59 40.20
CA LEU A 239 -15.30 4.42 40.04
C LEU A 239 -15.61 3.54 41.23
N THR A 240 -15.73 4.16 42.39
CA THR A 240 -15.99 3.43 43.61
C THR A 240 -17.33 2.73 43.50
N ASN A 241 -18.33 3.44 42.97
CA ASN A 241 -19.63 2.85 42.79
C ASN A 241 -19.58 1.70 41.80
N PHE A 242 -18.85 1.89 40.72
CA PHE A 242 -18.76 0.84 39.73
C PHE A 242 -18.11 -0.35 40.40
N MET A 243 -17.06 -0.07 41.16
CA MET A 243 -16.33 -1.13 41.81
C MET A 243 -17.23 -1.86 42.78
N GLU A 244 -18.04 -1.09 43.50
CA GLU A 244 -18.94 -1.70 44.45
C GLU A 244 -19.89 -2.58 43.68
N ILE A 245 -20.38 -2.09 42.57
CA ILE A 245 -21.29 -2.87 41.76
C ILE A 245 -20.55 -4.10 41.30
N ARG A 246 -19.29 -3.91 40.94
CA ARG A 246 -18.46 -5.01 40.50
C ARG A 246 -18.28 -6.04 41.60
N GLU A 247 -18.09 -5.58 42.83
CA GLU A 247 -17.79 -6.50 43.89
C GLU A 247 -18.90 -7.51 44.14
N LYS A 248 -20.14 -7.04 44.18
CA LYS A 248 -21.25 -7.95 44.40
C LYS A 248 -21.39 -8.93 43.25
N ILE A 249 -21.29 -8.41 42.04
CA ILE A 249 -21.28 -9.22 40.84
C ILE A 249 -20.03 -10.09 40.83
N LYS A 250 -18.93 -9.51 41.29
CA LYS A 250 -17.63 -10.11 41.10
C LYS A 250 -17.63 -11.48 41.74
N SER A 251 -18.27 -11.57 42.89
CA SER A 251 -18.34 -12.85 43.57
C SER A 251 -19.76 -13.35 43.72
N ASN A 252 -20.56 -12.59 44.45
CA ASN A 252 -21.70 -13.10 45.17
C ASN A 252 -22.81 -13.75 44.36
N LEU A 253 -23.23 -13.11 43.27
CA LEU A 253 -24.33 -13.67 42.50
C LEU A 253 -24.00 -13.75 41.02
N GLU A 254 -24.22 -14.91 40.43
CA GLU A 254 -24.05 -15.04 39.00
C GLU A 254 -25.05 -14.10 38.38
N ILE A 255 -26.23 -14.04 38.99
CA ILE A 255 -27.31 -13.21 38.50
C ILE A 255 -26.91 -11.74 38.51
N LEU A 256 -26.16 -11.35 39.52
CA LEU A 256 -25.84 -9.95 39.70
C LEU A 256 -25.11 -9.45 38.47
N GLY A 257 -24.17 -10.25 37.97
CA GLY A 257 -23.45 -9.90 36.75
C GLY A 257 -24.39 -9.86 35.56
N PHE A 258 -25.28 -10.82 35.47
CA PHE A 258 -26.15 -10.91 34.33
C PHE A 258 -26.99 -9.66 34.29
N VAL A 259 -27.45 -9.24 35.46
CA VAL A 259 -28.30 -8.07 35.57
C VAL A 259 -27.50 -6.79 35.44
N LYS A 260 -26.35 -6.74 36.08
CA LYS A 260 -25.63 -5.50 36.22
C LYS A 260 -25.33 -5.03 34.83
N PHE A 261 -24.94 -5.97 33.99
CA PHE A 261 -24.70 -5.65 32.60
C PHE A 261 -25.97 -5.20 31.91
N TYR A 262 -27.08 -5.83 32.22
CA TYR A 262 -28.26 -5.66 31.38
C TYR A 262 -28.75 -4.23 31.33
N LEU A 263 -28.69 -3.54 32.44
CA LEU A 263 -29.27 -2.22 32.52
C LEU A 263 -28.27 -1.32 31.84
N ASN A 264 -27.97 -1.71 30.61
CA ASN A 264 -27.34 -0.88 29.61
C ASN A 264 -28.15 -1.19 28.37
N VAL A 265 -28.55 -0.13 27.68
CA VAL A 265 -29.03 -0.25 26.34
C VAL A 265 -27.74 -0.09 25.56
N GLY A 266 -27.12 -1.20 25.16
CA GLY A 266 -27.67 -2.53 25.31
C GLY A 266 -27.56 -3.23 23.98
N GLY A 267 -28.60 -3.95 23.60
CA GLY A 267 -28.56 -4.67 22.34
C GLY A 267 -29.85 -4.63 21.55
N ASP A 268 -29.86 -3.87 20.44
CA ASP A 268 -31.02 -3.75 19.57
C ASP A 268 -30.98 -2.54 18.61
N LYS A 269 -31.57 -1.43 19.04
CA LYS A 269 -31.66 -0.21 18.27
C LYS A 269 -30.39 0.16 17.50
N LYS A 270 -29.66 1.08 18.11
CA LYS A 270 -28.43 1.68 17.62
C LYS A 270 -27.56 2.05 18.81
N LYS A 271 -26.28 1.66 18.74
CA LYS A 271 -25.38 1.81 19.86
C LYS A 271 -23.98 1.96 19.32
N SER A 272 -23.10 2.55 20.11
CA SER A 272 -21.76 2.82 19.64
C SER A 272 -20.76 1.84 20.20
N LYS A 273 -19.98 1.26 19.31
CA LYS A 273 -18.90 0.38 19.73
C LYS A 273 -18.20 0.93 20.96
N ASN A 274 -18.01 2.24 21.00
CA ASN A 274 -17.38 2.84 22.15
C ASN A 274 -18.05 2.38 23.42
N LYS A 275 -19.37 2.39 23.43
CA LYS A 275 -20.06 1.98 24.64
C LYS A 275 -19.78 0.52 24.95
N LYS A 276 -19.95 -0.37 23.96
CA LYS A 276 -19.82 -1.83 24.21
C LYS A 276 -18.52 -2.19 24.90
N MET A 277 -17.44 -1.51 24.54
CA MET A 277 -16.14 -1.80 25.13
C MET A 277 -16.12 -1.37 26.60
N LEU A 278 -16.67 -0.19 26.91
CA LEU A 278 -16.74 0.29 28.32
C LEU A 278 -17.65 -0.61 29.15
N VAL A 279 -18.70 -1.14 28.55
CA VAL A 279 -19.47 -2.21 29.15
C VAL A 279 -18.55 -3.44 29.36
N GLU A 280 -18.00 -3.94 28.27
CA GLU A 280 -17.10 -5.06 28.34
C GLU A 280 -15.98 -4.92 29.35
N LYS A 281 -15.56 -3.71 29.69
CA LYS A 281 -14.64 -3.53 30.80
C LYS A 281 -15.37 -3.57 32.14
N ILE A 282 -16.64 -3.16 32.16
CA ILE A 282 -17.40 -3.10 33.42
C ILE A 282 -17.75 -4.50 33.94
N LEU A 283 -18.34 -5.29 33.04
CA LEU A 283 -18.70 -6.69 33.26
C LEU A 283 -17.48 -7.63 33.46
N ASN A 284 -16.25 -7.10 33.43
CA ASN A 284 -15.07 -7.93 33.60
C ASN A 284 -14.36 -7.46 34.86
N ILE A 285 -14.29 -8.35 35.85
CA ILE A 285 -13.49 -8.10 37.07
C ILE A 285 -12.08 -8.67 36.96
N ASN A 286 -11.85 -9.47 35.93
CA ASN A 286 -10.51 -9.91 35.65
C ASN A 286 -9.66 -8.69 35.32
N VAL A 287 -10.24 -7.70 34.64
CA VAL A 287 -9.53 -6.46 34.35
C VAL A 287 -9.98 -5.32 35.29
N ASP A 288 -8.97 -4.56 35.67
CA ASP A 288 -9.08 -3.39 36.51
C ASP A 288 -9.73 -2.29 35.72
N LEU A 289 -10.47 -1.44 36.40
CA LEU A 289 -11.05 -0.28 35.75
C LEU A 289 -10.44 0.96 36.36
N THR A 290 -9.92 1.82 35.51
CA THR A 290 -9.32 3.05 35.97
C THR A 290 -10.24 4.19 35.59
N VAL A 291 -10.10 5.30 36.28
CA VAL A 291 -10.95 6.45 36.03
C VAL A 291 -10.71 6.93 34.60
N GLU A 292 -9.54 6.64 34.04
CA GLU A 292 -9.21 7.00 32.68
C GLU A 292 -10.14 6.35 31.65
N ASP A 293 -10.48 5.09 31.86
CA ASP A 293 -11.29 4.35 30.92
C ASP A 293 -12.68 4.98 30.79
N ILE A 294 -13.23 5.41 31.92
CA ILE A 294 -14.52 6.07 31.94
C ILE A 294 -14.55 7.44 31.26
N ALA A 295 -13.53 8.24 31.49
CA ALA A 295 -13.46 9.56 30.87
C ALA A 295 -13.34 9.46 29.37
N ASP A 296 -12.53 8.52 28.93
CA ASP A 296 -12.26 8.30 27.53
C ASP A 296 -13.57 7.92 26.86
N PHE A 297 -14.37 7.16 27.56
CA PHE A 297 -15.68 6.81 27.06
C PHE A 297 -16.52 8.07 26.90
N VAL A 298 -16.43 9.00 27.83
CA VAL A 298 -17.31 10.15 27.81
C VAL A 298 -17.12 11.05 26.59
N ILE A 299 -15.88 11.35 26.28
CA ILE A 299 -15.59 12.18 25.12
C ILE A 299 -15.91 11.49 23.82
N LYS A 300 -15.61 10.21 23.76
CA LYS A 300 -15.89 9.39 22.59
C LYS A 300 -17.37 9.27 22.32
N GLU A 301 -18.14 9.10 23.36
CA GLU A 301 -19.59 9.15 23.24
C GLU A 301 -20.02 10.53 22.80
N LEU A 302 -19.34 11.55 23.31
CA LEU A 302 -19.68 12.92 23.03
C LEU A 302 -19.37 13.32 21.62
N GLU A 303 -18.20 12.91 21.12
CA GLU A 303 -17.96 12.99 19.70
C GLU A 303 -18.86 12.05 18.89
N PHE A 304 -18.97 10.81 19.30
CA PHE A 304 -19.69 9.82 18.55
C PHE A 304 -21.03 10.34 18.06
N TRP A 305 -21.68 11.15 18.90
CA TRP A 305 -23.00 11.69 18.59
C TRP A 305 -22.93 13.10 18.01
N ASN A 306 -21.71 13.58 17.75
CA ASN A 306 -21.49 14.96 17.30
C ASN A 306 -22.29 15.90 18.16
N ILE A 307 -22.09 15.74 19.45
CA ILE A 307 -22.49 16.74 20.41
C ILE A 307 -21.38 17.79 20.49
N THR A 308 -20.13 17.35 20.51
CA THR A 308 -18.99 18.20 20.86
C THR A 308 -18.15 18.64 19.67
N LYS A 309 -18.08 19.97 19.51
CA LYS A 309 -17.38 20.63 18.44
C LYS A 309 -16.58 21.74 19.06
N ARG A 310 -15.73 22.36 18.25
CA ARG A 310 -14.91 23.45 18.77
C ARG A 310 -15.60 24.79 18.53
N ILE A 311 -15.45 25.72 19.46
CA ILE A 311 -16.02 27.04 19.26
C ILE A 311 -14.88 27.94 18.80
N GLU A 312 -14.92 28.37 17.55
CA GLU A 312 -13.90 29.32 17.08
C GLU A 312 -14.56 30.57 16.58
N LYS A 313 -14.18 31.69 17.18
CA LYS A 313 -14.72 32.97 16.77
C LYS A 313 -14.08 33.39 15.47
N VAL A 314 -14.89 33.94 14.59
CA VAL A 314 -14.40 34.48 13.34
C VAL A 314 -13.83 35.86 13.55
N LYS A 315 -13.10 36.34 12.58
CA LYS A 315 -12.50 37.65 12.68
C LYS A 315 -13.63 38.64 12.91
N LYS A 316 -13.40 39.53 13.86
CA LYS A 316 -14.36 40.57 14.23
C LYS A 316 -14.51 41.58 13.12
N VAL A 317 -15.72 42.05 12.92
CA VAL A 317 -15.97 43.04 11.88
C VAL A 317 -16.94 44.11 12.41
N ASN A 318 -16.76 45.36 11.99
CA ASN A 318 -17.43 46.52 12.62
C ASN A 318 -18.75 46.95 12.00
N ASN A 319 -18.87 46.84 10.68
CA ASN A 319 -20.15 47.20 10.04
C ASN A 319 -20.42 46.21 8.93
N GLU A 320 -21.56 46.35 8.25
CA GLU A 320 -21.88 45.42 7.16
C GLU A 320 -20.91 45.53 5.96
N PHE A 321 -20.38 46.70 5.70
CA PHE A 321 -19.48 46.82 4.58
C PHE A 321 -18.17 46.11 4.81
N LEU A 322 -17.67 46.04 6.04
CA LEU A 322 -16.43 45.26 6.26
C LEU A 322 -16.72 43.79 6.44
N GLU A 323 -17.88 43.46 7.01
CA GLU A 323 -18.35 42.10 6.98
C GLU A 323 -18.46 41.65 5.53
N LYS A 324 -19.05 42.44 4.65
CA LYS A 324 -19.07 42.07 3.23
C LYS A 324 -17.67 41.79 2.71
N ARG A 325 -16.70 42.64 2.99
CA ARG A 325 -15.33 42.41 2.49
C ARG A 325 -14.71 41.14 3.03
N ARG A 326 -14.90 40.89 4.32
CA ARG A 326 -14.44 39.67 4.99
C ARG A 326 -14.92 38.37 4.29
N ASN A 327 -16.22 38.17 4.26
CA ASN A 327 -16.83 37.09 3.45
C ASN A 327 -16.42 37.02 1.99
N ARG A 328 -15.79 38.04 1.43
CA ARG A 328 -15.42 37.88 0.02
C ARG A 328 -14.04 37.27 -0.15
N THR A 329 -13.09 37.71 0.65
CA THR A 329 -11.77 37.11 0.63
C THR A 329 -11.85 35.62 1.06
N TYR A 330 -12.72 35.33 2.02
CA TYR A 330 -13.00 33.93 2.38
C TYR A 330 -13.40 33.14 1.13
N ILE A 331 -14.49 33.53 0.49
CA ILE A 331 -14.90 32.81 -0.71
C ILE A 331 -13.72 32.65 -1.68
N LYS A 332 -12.91 33.68 -1.84
CA LYS A 332 -11.68 33.50 -2.58
C LYS A 332 -10.82 32.42 -1.92
N SER A 333 -10.44 32.61 -0.68
CA SER A 333 -9.47 31.68 -0.10
C SER A 333 -9.94 30.22 -0.12
N TYR A 334 -11.22 30.01 0.13
CA TYR A 334 -11.76 28.67 0.38
C TYR A 334 -12.44 28.00 -0.82
N VAL A 335 -13.14 28.77 -1.61
CA VAL A 335 -13.88 28.22 -2.71
C VAL A 335 -13.32 28.55 -4.09
N LEU A 336 -12.77 29.73 -4.27
CA LEU A 336 -12.50 30.21 -5.60
C LEU A 336 -11.19 29.82 -6.21
N LEU A 337 -10.10 29.94 -5.47
CA LEU A 337 -8.81 29.70 -6.07
C LEU A 337 -7.99 28.60 -5.47
N ASP A 338 -6.94 28.27 -6.20
CA ASP A 338 -6.07 27.12 -5.94
C ASP A 338 -4.78 27.43 -6.72
N LYS A 339 -3.88 26.47 -6.86
CA LYS A 339 -2.61 26.75 -7.46
C LYS A 339 -2.80 27.24 -8.87
N HIS A 340 -3.65 26.55 -9.59
CA HIS A 340 -3.96 26.91 -10.96
C HIS A 340 -4.73 28.21 -11.12
N GLU A 341 -5.72 28.41 -10.28
CA GLU A 341 -6.56 29.59 -10.35
C GLU A 341 -5.81 30.86 -10.05
N LYS A 342 -4.90 30.78 -9.09
CA LYS A 342 -4.03 31.90 -8.80
C LYS A 342 -3.11 32.20 -9.96
N PHE A 343 -2.59 31.15 -10.59
CA PHE A 343 -1.71 31.31 -11.73
C PHE A 343 -2.42 31.99 -12.88
N LYS A 344 -3.67 31.62 -13.13
CA LYS A 344 -4.41 32.21 -14.22
C LYS A 344 -4.73 33.70 -14.11
N ILE A 345 -5.27 34.13 -12.98
CA ILE A 345 -5.54 35.55 -12.76
C ILE A 345 -4.29 36.39 -12.65
N GLU A 346 -3.34 35.92 -11.85
CA GLU A 346 -2.17 36.71 -11.52
C GLU A 346 -1.13 36.86 -12.63
N ARG A 347 -0.35 37.92 -12.56
CA ARG A 347 -0.72 39.18 -11.95
C ARG A 347 0.13 40.21 -12.63
N GLU A 348 -0.09 40.40 -13.93
CA GLU A 348 0.75 41.29 -14.71
C GLU A 348 2.23 40.88 -14.65
N ASN A 349 2.49 39.59 -14.66
CA ASN A 349 3.87 39.10 -14.75
C ASN A 349 4.68 39.24 -13.47
N LYS A 350 4.03 39.45 -12.35
CA LYS A 350 4.74 39.63 -11.09
C LYS A 350 5.55 38.41 -10.64
N LYS A 351 4.97 37.22 -10.77
CA LYS A 351 5.64 36.01 -10.30
C LYS A 351 6.92 35.67 -11.05
N ASP A 352 6.89 35.84 -12.36
CA ASP A 352 8.03 35.48 -13.17
C ASP A 352 9.22 36.32 -12.76
N LYS A 353 8.96 37.58 -12.46
CA LYS A 353 10.01 38.50 -12.09
C LYS A 353 10.74 38.10 -10.79
N ILE A 354 9.98 37.67 -9.80
CA ILE A 354 10.57 37.22 -8.56
C ILE A 354 11.42 35.98 -8.73
N VAL A 355 10.92 35.03 -9.52
CA VAL A 355 11.64 33.81 -9.81
C VAL A 355 12.89 34.07 -10.62
N LYS A 356 12.78 34.98 -11.57
CA LYS A 356 13.92 35.39 -12.37
C LYS A 356 14.91 36.02 -11.42
N PHE A 357 14.37 36.79 -10.49
CA PHE A 357 15.14 37.48 -9.47
C PHE A 357 15.86 36.48 -8.60
N PHE A 358 15.16 35.42 -8.24
CA PHE A 358 15.72 34.40 -7.36
C PHE A 358 16.79 33.52 -7.97
N VAL A 359 16.61 33.13 -9.22
CA VAL A 359 17.55 32.22 -9.84
C VAL A 359 18.91 32.87 -9.91
N GLU A 360 18.93 34.14 -10.28
CA GLU A 360 20.17 34.87 -10.41
C GLU A 360 20.87 35.00 -9.08
N ASN A 361 20.10 35.32 -8.07
CA ASN A 361 20.64 35.48 -6.74
C ASN A 361 21.23 34.18 -6.19
N ILE A 362 20.60 33.06 -6.50
CA ILE A 362 21.14 31.79 -6.10
C ILE A 362 22.47 31.51 -6.80
N LYS A 363 22.54 31.82 -8.09
CA LYS A 363 23.75 31.59 -8.87
C LYS A 363 24.89 32.47 -8.35
N ASN A 364 24.54 33.72 -8.07
CA ASN A 364 25.46 34.71 -7.53
C ASN A 364 25.96 34.33 -6.15
N ASN A 365 25.08 33.71 -5.38
CA ASN A 365 25.34 33.44 -3.98
C ASN A 365 25.08 34.65 -3.14
N SER A 366 24.43 35.63 -3.75
CA SER A 366 24.01 36.82 -3.08
C SER A 366 23.03 36.47 -1.98
N ILE A 367 22.29 35.40 -2.18
CA ILE A 367 21.12 35.08 -1.37
C ILE A 367 21.30 34.82 0.12
N LYS A 368 22.34 34.09 0.52
CA LYS A 368 22.30 33.60 1.88
C LYS A 368 22.20 34.74 2.88
N GLU A 369 23.06 35.72 2.73
CA GLU A 369 22.95 36.90 3.57
C GLU A 369 21.63 37.66 3.36
N LYS A 370 21.04 37.60 2.18
CA LYS A 370 19.77 38.28 2.04
C LYS A 370 18.75 37.69 2.99
N ILE A 371 18.67 36.38 3.08
CA ILE A 371 17.87 35.72 4.11
C ILE A 371 18.43 35.93 5.51
N GLU A 372 19.73 35.76 5.67
CA GLU A 372 20.34 35.72 6.97
C GLU A 372 20.10 37.02 7.68
N LYS A 373 20.14 38.12 6.92
CA LYS A 373 19.77 39.42 7.46
C LYS A 373 18.30 39.61 7.85
N ILE A 374 17.41 39.20 6.97
CA ILE A 374 15.99 39.31 7.26
C ILE A 374 15.66 38.48 8.48
N LEU A 375 16.35 37.37 8.67
CA LEU A 375 16.03 36.51 9.80
C LEU A 375 16.21 37.31 11.06
N ALA A 376 17.29 38.06 11.12
CA ALA A 376 17.56 38.91 12.27
C ALA A 376 16.51 40.00 12.40
N GLU A 377 15.99 40.47 11.29
CA GLU A 377 14.96 41.47 11.38
C GLU A 377 13.89 40.81 12.22
N PHE A 378 13.74 39.50 12.06
CA PHE A 378 12.78 38.72 12.83
C PHE A 378 13.01 38.63 14.34
N LYS A 379 14.25 38.83 14.79
CA LYS A 379 14.55 38.84 16.22
C LYS A 379 14.13 37.58 16.98
N ILE A 380 14.57 36.43 16.51
CA ILE A 380 14.10 35.13 16.96
C ILE A 380 14.26 34.89 18.46
N ASP A 381 15.39 35.32 19.03
CA ASP A 381 15.71 34.94 20.40
C ASP A 381 14.68 35.41 21.42
N GLU A 382 14.21 36.63 21.27
CA GLU A 382 13.16 37.14 22.15
C GLU A 382 11.91 36.31 21.95
N LEU A 383 11.66 35.95 20.70
CA LEU A 383 10.51 35.14 20.35
C LEU A 383 10.60 33.78 21.01
N ILE A 384 11.78 33.20 21.03
CA ILE A 384 11.94 31.92 21.69
C ILE A 384 11.60 32.13 23.14
N LYS A 385 12.10 33.23 23.69
CA LYS A 385 11.76 33.60 25.06
C LYS A 385 10.29 33.93 25.16
N LYS A 386 9.78 34.67 24.18
CA LYS A 386 8.39 35.10 24.21
C LYS A 386 7.47 33.90 24.16
N LEU A 387 7.81 32.93 23.33
CA LEU A 387 7.04 31.70 23.20
C LEU A 387 7.07 30.84 24.44
N GLU A 388 8.25 30.73 25.04
CA GLU A 388 8.48 29.82 26.14
C GLU A 388 7.58 30.19 27.29
N LYS A 389 7.36 31.48 27.48
CA LYS A 389 6.60 31.92 28.61
C LYS A 389 5.19 31.36 28.60
N GLU A 390 4.53 31.43 27.45
CA GLU A 390 3.17 30.92 27.34
C GLU A 390 3.06 29.42 27.54
N LEU A 391 4.01 28.67 27.01
CA LEU A 391 3.87 27.23 26.98
C LEU A 391 3.75 26.74 28.41
N LYS A 392 4.52 27.33 29.30
CA LYS A 392 4.37 27.06 30.71
C LYS A 392 2.99 27.51 31.19
N LYS A 393 2.36 28.40 30.47
CA LYS A 393 1.03 28.83 30.88
C LYS A 393 0.12 27.61 30.88
N GLY A 394 0.54 26.57 30.15
CA GLY A 394 -0.03 25.24 30.24
C GLY A 394 -1.18 24.85 29.34
N ASN A 395 -1.63 25.78 28.51
CA ASN A 395 -2.65 25.49 27.49
C ASN A 395 -2.24 24.55 26.35
N CYS A 396 -1.01 24.66 25.88
CA CYS A 396 -0.58 23.83 24.78
C CYS A 396 -1.45 23.99 23.54
N ASP A 397 -1.67 25.24 23.10
CA ASP A 397 -2.59 25.51 22.00
C ASP A 397 -2.25 26.68 21.06
N THR A 398 -3.26 27.14 20.33
CA THR A 398 -3.15 28.11 19.23
C THR A 398 -2.68 29.46 19.67
N GLU A 399 -2.71 29.69 20.97
CA GLU A 399 -2.30 30.96 21.55
C GLU A 399 -0.85 31.23 21.13
N ILE A 400 -0.15 30.16 20.79
CA ILE A 400 1.22 30.27 20.39
C ILE A 400 1.31 31.17 19.19
N PHE A 401 0.33 31.09 18.30
CA PHE A 401 0.37 31.86 17.06
C PHE A 401 0.21 33.32 17.38
N GLY A 402 -0.54 33.59 18.43
CA GLY A 402 -0.65 34.95 18.88
C GLY A 402 0.73 35.43 19.25
N ILE A 403 1.33 34.78 20.22
CA ILE A 403 2.60 35.26 20.69
C ILE A 403 3.52 35.55 19.48
N PHE A 404 3.42 34.71 18.46
CA PHE A 404 4.09 34.93 17.20
C PHE A 404 3.53 36.10 16.41
N LYS A 405 2.21 36.18 16.34
CA LYS A 405 1.57 37.25 15.62
C LYS A 405 1.84 38.58 16.30
N LYS A 406 1.77 38.58 17.62
CA LYS A 406 2.04 39.77 18.40
C LYS A 406 3.48 40.22 18.24
N HIS A 407 4.39 39.26 18.28
CA HIS A 407 5.81 39.55 18.24
C HIS A 407 6.21 40.22 16.94
N TYR A 408 5.62 39.76 15.83
CA TYR A 408 5.90 40.34 14.52
C TYR A 408 5.46 41.78 14.46
N LYS A 409 4.32 42.06 15.06
CA LYS A 409 3.76 43.40 14.99
C LYS A 409 4.69 44.41 15.63
N VAL A 410 5.23 44.08 16.80
CA VAL A 410 6.16 44.98 17.46
C VAL A 410 7.50 45.15 16.77
N ASN A 411 8.14 44.04 16.41
CA ASN A 411 9.46 44.08 15.80
C ASN A 411 9.48 44.66 14.39
N PHE A 412 8.47 44.28 13.64
CA PHE A 412 8.25 44.74 12.27
C PHE A 412 7.28 45.88 12.15
N ASP A 413 7.10 46.35 10.94
CA ASP A 413 6.21 47.45 10.69
C ASP A 413 4.86 46.88 11.02
N SER A 414 3.84 47.71 11.21
CA SER A 414 3.77 49.11 10.83
C SER A 414 3.60 49.05 9.32
N LYS A 415 3.43 50.18 8.65
CA LYS A 415 3.34 50.16 7.20
C LYS A 415 4.41 51.01 6.58
N LYS A 416 4.93 51.95 7.35
CA LYS A 416 5.85 52.93 6.82
C LYS A 416 7.09 52.23 6.33
N PHE A 417 7.52 51.23 7.09
CA PHE A 417 8.64 50.43 6.71
C PHE A 417 8.08 49.19 6.06
N SER A 418 8.21 49.05 4.75
CA SER A 418 8.66 50.13 3.87
C SER A 418 8.19 49.88 2.46
N LYS A 419 8.33 50.87 1.59
CA LYS A 419 8.05 50.65 0.19
C LYS A 419 9.30 50.01 -0.42
N LYS A 420 9.12 48.77 -0.84
CA LYS A 420 10.20 47.85 -1.15
C LYS A 420 9.91 47.10 -2.42
N SER A 421 10.96 46.57 -3.03
CA SER A 421 10.83 45.80 -4.25
C SER A 421 10.03 44.54 -4.04
N ASP A 422 9.23 44.17 -5.03
CA ASP A 422 8.30 43.06 -4.88
C ASP A 422 9.08 41.80 -4.60
N GLU A 423 10.21 41.65 -5.26
CA GLU A 423 11.05 40.51 -5.06
C GLU A 423 11.54 40.49 -3.62
N GLU A 424 11.84 41.66 -3.10
CA GLU A 424 12.24 41.76 -1.71
C GLU A 424 11.13 41.39 -0.75
N LYS A 425 9.92 41.83 -1.06
CA LYS A 425 8.79 41.56 -0.20
C LYS A 425 8.53 40.07 -0.07
N GLU A 426 8.69 39.31 -1.15
CA GLU A 426 8.40 37.88 -1.10
C GLU A 426 9.28 37.10 -0.14
N LEU A 427 10.57 37.39 -0.14
CA LEU A 427 11.43 36.86 0.92
C LEU A 427 10.88 37.10 2.31
N TYR A 428 10.17 38.20 2.54
CA TYR A 428 9.49 38.39 3.81
C TYR A 428 8.29 37.47 4.11
N LYS A 429 7.41 37.32 3.13
CA LYS A 429 6.32 36.34 3.14
C LYS A 429 6.83 34.89 3.25
N ILE A 430 7.79 34.55 2.40
CA ILE A 430 8.35 33.23 2.44
C ILE A 430 8.92 32.95 3.83
N ILE A 431 9.65 33.91 4.37
CA ILE A 431 10.25 33.74 5.68
C ILE A 431 9.17 33.69 6.73
N TYR A 432 8.25 34.64 6.65
CA TYR A 432 7.21 34.72 7.66
C TYR A 432 6.48 33.42 7.74
N ARG A 433 5.91 33.01 6.62
CA ARG A 433 5.06 31.85 6.63
C ARG A 433 5.81 30.54 6.87
N TYR A 434 7.11 30.52 6.55
CA TYR A 434 7.95 29.39 6.95
C TYR A 434 8.02 29.29 8.47
N LEU A 435 8.32 30.40 9.14
CA LEU A 435 8.41 30.39 10.60
C LEU A 435 7.02 30.16 11.24
N LYS A 436 5.98 30.62 10.58
CA LYS A 436 4.65 30.25 11.04
C LYS A 436 4.44 28.74 10.90
N GLY A 437 5.19 28.09 10.00
CA GLY A 437 5.15 26.64 9.87
C GLY A 437 5.93 25.97 10.99
N ARG A 438 6.98 26.62 11.46
CA ARG A 438 7.66 26.10 12.63
C ARG A 438 6.87 26.31 13.91
N ILE A 439 6.03 27.32 13.96
CA ILE A 439 5.16 27.46 15.13
C ILE A 439 4.17 26.27 15.21
N GLU A 440 3.72 25.75 14.06
CA GLU A 440 2.92 24.52 13.96
C GLU A 440 3.78 23.31 14.37
N LYS A 441 5.06 23.27 13.96
CA LYS A 441 5.92 22.20 14.44
C LYS A 441 5.81 22.02 15.95
N ILE A 442 6.13 23.04 16.73
CA ILE A 442 6.10 22.86 18.17
C ILE A 442 4.71 22.49 18.67
N LEU A 443 3.67 23.13 18.14
CA LEU A 443 2.34 22.88 18.64
C LEU A 443 1.96 21.45 18.41
N VAL A 444 2.32 20.94 17.25
CA VAL A 444 2.05 19.57 16.95
C VAL A 444 2.83 18.73 17.93
N ASN A 445 4.06 19.12 18.20
CA ASN A 445 4.87 18.38 19.13
C ASN A 445 4.31 18.40 20.55
N GLU A 446 3.83 19.55 20.99
CA GLU A 446 3.36 19.65 22.36
C GLU A 446 2.17 18.74 22.58
N GLN A 447 1.23 18.72 21.66
CA GLN A 447 0.19 17.68 21.72
C GLN A 447 0.81 16.27 21.63
N LYS A 448 1.85 16.13 20.80
CA LYS A 448 2.50 14.86 20.61
C LYS A 448 3.47 14.50 21.72
N VAL A 449 3.74 15.41 22.64
CA VAL A 449 4.49 15.02 23.83
C VAL A 449 3.58 14.77 25.02
N ARG A 450 2.50 15.55 25.13
CA ARG A 450 1.60 15.41 26.26
C ARG A 450 0.97 14.03 26.29
N LEU A 451 0.55 13.53 25.15
CA LEU A 451 0.04 12.16 25.09
C LEU A 451 1.15 11.16 24.77
N LYS A 452 1.35 10.17 25.61
CA LYS A 452 2.41 9.19 25.33
C LYS A 452 3.73 9.93 25.17
N LYS A 453 4.53 9.53 24.20
CA LYS A 453 5.84 10.13 24.03
C LYS A 453 6.09 10.60 22.61
N MET A 454 6.58 11.83 22.48
CA MET A 454 7.03 12.33 21.19
C MET A 454 8.56 12.23 21.06
N GLU A 455 9.29 12.63 22.11
CA GLU A 455 8.72 13.31 23.27
C GLU A 455 9.64 14.42 23.77
N LYS A 456 9.04 15.42 24.39
CA LYS A 456 9.75 16.39 25.19
C LYS A 456 10.80 17.20 24.45
N ILE A 457 10.58 17.44 23.17
CA ILE A 457 11.47 18.28 22.39
C ILE A 457 11.32 19.75 22.79
N GLU A 458 12.39 20.50 22.62
CA GLU A 458 12.38 21.89 23.02
C GLU A 458 12.49 22.86 21.85
N ILE A 459 11.65 23.86 21.92
CA ILE A 459 11.66 25.00 21.04
C ILE A 459 13.04 25.38 20.63
N GLU A 460 13.88 25.55 21.63
CA GLU A 460 15.21 26.11 21.52
C GLU A 460 15.90 25.76 20.23
N LYS A 461 15.72 24.53 19.82
CA LYS A 461 16.44 24.04 18.67
C LYS A 461 15.47 23.64 17.63
N ILE A 462 14.35 24.33 17.59
CA ILE A 462 13.50 24.28 16.45
C ILE A 462 13.68 25.62 15.81
N LEU A 463 14.10 26.61 16.57
CA LEU A 463 14.30 27.92 16.01
C LEU A 463 15.72 28.23 15.55
N ASN A 464 16.70 27.67 16.22
CA ASN A 464 18.09 27.63 15.80
C ASN A 464 18.54 28.47 14.62
N GLU A 465 18.67 29.77 14.82
CA GLU A 465 18.98 30.69 13.72
C GLU A 465 19.98 30.21 12.65
N SER A 466 20.97 29.42 13.04
CA SER A 466 21.86 28.77 12.08
C SER A 466 21.16 27.66 11.29
N ILE A 467 20.40 26.80 11.97
CA ILE A 467 19.65 25.74 11.29
C ILE A 467 18.56 26.34 10.40
N LEU A 468 17.91 27.39 10.91
CA LEU A 468 16.85 28.05 10.20
C LEU A 468 17.39 28.64 8.92
N SER A 469 18.60 29.18 8.98
CA SER A 469 19.19 29.80 7.82
C SER A 469 19.36 28.78 6.69
N GLU A 470 19.85 27.60 7.03
CA GLU A 470 19.98 26.55 6.03
C GLU A 470 18.64 26.05 5.50
N LYS A 471 17.68 25.84 6.38
CA LYS A 471 16.35 25.39 5.98
C LYS A 471 15.58 26.40 5.15
N ILE A 472 15.65 27.67 5.54
CA ILE A 472 14.97 28.75 4.84
C ILE A 472 15.52 28.90 3.45
N LEU A 473 16.83 28.73 3.29
CA LEU A 473 17.40 28.82 1.94
C LEU A 473 16.83 27.77 1.03
N LYS A 474 16.69 26.55 1.55
CA LYS A 474 16.25 25.41 0.77
C LYS A 474 14.80 25.59 0.37
N ARG A 475 14.01 26.20 1.23
CA ARG A 475 12.65 26.48 0.86
C ARG A 475 12.60 27.54 -0.22
N VAL A 476 13.58 28.44 -0.30
CA VAL A 476 13.57 29.45 -1.38
C VAL A 476 13.89 28.81 -2.73
N LYS A 477 14.84 27.89 -2.75
CA LYS A 477 15.11 27.18 -4.01
C LYS A 477 13.90 26.35 -4.44
N GLN A 478 13.08 25.88 -3.51
CA GLN A 478 11.95 25.02 -3.87
C GLN A 478 10.86 25.85 -4.58
N TYR A 479 10.54 26.98 -3.97
CA TYR A 479 9.66 27.99 -4.55
C TYR A 479 10.08 28.36 -5.98
N THR A 480 11.34 28.71 -6.11
CA THR A 480 11.83 29.11 -7.39
C THR A 480 11.76 27.95 -8.36
N LEU A 481 12.09 26.77 -7.87
CA LEU A 481 12.02 25.55 -8.65
C LEU A 481 10.64 25.10 -9.09
N GLU A 482 9.67 25.19 -8.19
CA GLU A 482 8.34 24.71 -8.49
C GLU A 482 7.73 25.52 -9.60
N HIS A 483 7.94 26.82 -9.54
CA HIS A 483 7.40 27.69 -10.56
C HIS A 483 8.02 27.41 -11.90
N ILE A 484 9.30 27.09 -11.91
CA ILE A 484 9.94 26.82 -13.17
C ILE A 484 9.33 25.56 -13.69
N MET A 485 9.28 24.55 -12.85
CA MET A 485 8.76 23.26 -13.28
C MET A 485 7.31 23.35 -13.69
N TYR A 486 6.52 24.14 -12.98
CA TYR A 486 5.12 24.25 -13.32
C TYR A 486 4.91 24.77 -14.73
N LEU A 487 5.69 25.77 -15.12
CA LEU A 487 5.66 26.31 -16.46
C LEU A 487 6.17 25.29 -17.43
N GLY A 488 7.22 24.59 -17.06
CA GLY A 488 7.78 23.59 -17.93
C GLY A 488 6.79 22.49 -18.16
N LYS A 489 6.11 22.08 -17.10
CA LYS A 489 5.18 20.98 -17.15
C LYS A 489 4.05 21.33 -18.10
N LEU A 490 3.59 22.56 -17.97
CA LEU A 490 2.62 23.16 -18.89
C LEU A 490 3.20 23.18 -20.28
N ARG A 491 4.40 23.71 -20.40
CA ARG A 491 5.04 23.77 -21.69
C ARG A 491 5.16 22.38 -22.29
N HIS A 492 5.91 21.51 -21.65
CA HIS A 492 6.32 20.27 -22.27
C HIS A 492 5.10 19.47 -22.72
N ASN A 493 4.09 19.41 -21.88
CA ASN A 493 2.81 18.83 -22.27
C ASN A 493 2.08 19.61 -23.34
N ASP A 494 2.20 20.94 -23.28
CA ASP A 494 1.45 21.83 -24.15
C ASP A 494 0.04 22.20 -23.71
N ILE A 495 -0.24 22.04 -22.43
CA ILE A 495 -1.47 22.53 -21.84
C ILE A 495 -1.53 24.05 -21.97
N ASP A 496 -2.69 24.61 -22.28
CA ASP A 496 -2.78 26.04 -22.49
C ASP A 496 -2.78 26.79 -21.17
N MET A 497 -1.81 27.67 -21.01
CA MET A 497 -1.65 28.49 -19.79
C MET A 497 -2.87 29.31 -19.32
N THR A 498 -3.85 29.45 -20.20
CA THR A 498 -5.05 30.24 -19.93
C THR A 498 -6.17 29.44 -19.31
N THR A 499 -6.19 28.14 -19.60
CA THR A 499 -7.25 27.28 -19.11
C THR A 499 -6.79 26.23 -18.10
N VAL A 500 -5.60 26.35 -17.57
CA VAL A 500 -5.14 25.32 -16.66
C VAL A 500 -6.12 25.17 -15.56
N ASN A 501 -6.46 23.94 -15.25
CA ASN A 501 -7.39 23.69 -14.20
C ASN A 501 -6.99 22.50 -13.44
N THR A 502 -7.74 22.22 -12.40
CA THR A 502 -7.46 21.14 -11.53
C THR A 502 -7.81 19.82 -12.18
N ASP A 503 -8.82 19.83 -13.01
CA ASP A 503 -9.33 18.60 -13.54
C ASP A 503 -8.35 17.98 -14.49
N ASP A 504 -7.70 18.80 -15.30
CA ASP A 504 -6.72 18.33 -16.25
C ASP A 504 -5.46 17.82 -15.59
N PHE A 505 -5.04 18.51 -14.54
CA PHE A 505 -3.84 18.16 -13.81
C PHE A 505 -3.95 16.81 -13.16
N SER A 506 -5.13 16.48 -12.63
CA SER A 506 -5.33 15.16 -12.07
C SER A 506 -5.23 14.03 -13.09
N ARG A 507 -5.88 14.16 -14.23
CA ARG A 507 -5.75 13.13 -15.25
C ARG A 507 -4.35 13.09 -15.89
N LEU A 508 -3.55 14.16 -15.70
CA LEU A 508 -2.17 14.19 -16.14
C LEU A 508 -1.30 13.41 -15.16
N HIS A 509 -1.57 13.58 -13.87
CA HIS A 509 -0.94 12.74 -12.85
C HIS A 509 -1.06 11.26 -13.20
N ALA A 510 -2.26 10.85 -13.60
CA ALA A 510 -2.58 9.44 -13.80
C ALA A 510 -1.67 8.79 -14.80
N LYS A 511 -1.43 9.50 -15.90
CA LYS A 511 -0.54 9.00 -16.97
C LYS A 511 0.88 9.16 -16.59
N GLU A 512 1.24 10.33 -16.10
CA GLU A 512 2.57 10.55 -15.56
C GLU A 512 2.99 9.34 -14.74
N GLU A 513 2.09 8.83 -13.91
CA GLU A 513 2.35 7.61 -13.15
C GLU A 513 2.54 6.39 -14.05
N LEU A 514 1.70 6.26 -15.07
CA LEU A 514 1.82 5.18 -16.02
C LEU A 514 3.11 5.30 -16.79
N ASP A 515 3.46 6.53 -17.13
CA ASP A 515 4.65 6.80 -17.92
C ASP A 515 5.92 6.40 -17.20
N LEU A 516 5.98 6.65 -15.90
CA LEU A 516 7.15 6.27 -15.14
C LEU A 516 7.28 4.76 -15.16
N GLU A 517 6.17 4.07 -15.00
CA GLU A 517 6.16 2.62 -15.03
C GLU A 517 6.56 2.06 -16.39
N LEU A 518 6.03 2.66 -17.45
CA LEU A 518 6.32 2.18 -18.79
C LEU A 518 7.80 2.30 -19.10
N ILE A 519 8.39 3.42 -18.76
CA ILE A 519 9.81 3.64 -19.03
C ILE A 519 10.70 2.68 -18.26
N THR A 520 10.34 2.42 -17.01
CA THR A 520 11.06 1.46 -16.21
C THR A 520 10.95 0.09 -16.85
N PHE A 521 9.77 -0.19 -17.42
CA PHE A 521 9.52 -1.42 -18.13
C PHE A 521 10.43 -1.56 -19.34
N PHE A 522 10.63 -0.48 -20.06
CA PHE A 522 11.50 -0.46 -21.18
C PHE A 522 12.91 -0.69 -20.73
N ALA A 523 13.18 -0.40 -19.48
CA ALA A 523 14.51 -0.46 -18.97
C ALA A 523 14.80 -1.74 -18.33
N SER A 524 13.87 -2.66 -18.31
CA SER A 524 14.13 -3.95 -17.73
C SER A 524 14.25 -4.85 -18.89
N THR A 525 13.48 -4.56 -19.90
CA THR A 525 13.58 -5.31 -21.13
C THR A 525 14.90 -5.08 -21.84
N ASN A 526 15.43 -3.87 -21.72
CA ASN A 526 16.81 -3.61 -22.12
C ASN A 526 17.82 -4.39 -21.28
N MET A 527 17.58 -4.55 -19.98
CA MET A 527 18.43 -5.40 -19.18
C MET A 527 18.35 -6.86 -19.60
N GLU A 528 17.15 -7.31 -19.94
CA GLU A 528 16.96 -8.66 -20.46
C GLU A 528 17.64 -8.83 -21.80
N LEU A 529 17.58 -7.81 -22.62
CA LEU A 529 18.14 -7.86 -23.96
C LEU A 529 19.66 -7.83 -23.90
N ASN A 530 20.19 -7.16 -22.90
CA ASN A 530 21.63 -7.14 -22.75
C ASN A 530 22.16 -8.53 -22.50
N LYS A 531 21.43 -9.32 -21.72
CA LYS A 531 21.86 -10.67 -21.48
C LYS A 531 21.88 -11.51 -22.75
N ILE A 532 20.80 -11.44 -23.53
CA ILE A 532 20.74 -12.19 -24.79
C ILE A 532 21.70 -11.68 -25.87
N PHE A 533 21.83 -10.36 -25.94
CA PHE A 533 22.61 -9.70 -27.00
C PHE A 533 23.77 -8.90 -26.42
N SER A 534 24.92 -8.99 -27.06
CA SER A 534 26.06 -8.21 -26.62
C SER A 534 26.76 -7.66 -27.84
N ARG A 535 27.57 -6.62 -27.64
CA ARG A 535 28.25 -5.98 -28.75
C ARG A 535 29.24 -6.92 -29.42
N GLU A 536 29.41 -6.76 -30.72
CA GLU A 536 30.30 -7.60 -31.52
C GLU A 536 31.73 -7.45 -31.04
N ASN A 537 32.12 -6.22 -30.76
CA ASN A 537 33.52 -5.95 -30.48
C ASN A 537 34.04 -6.54 -29.18
N ILE A 538 35.33 -6.86 -29.16
CA ILE A 538 35.99 -7.31 -27.95
C ILE A 538 35.95 -6.19 -26.93
N ASN A 539 36.11 -4.96 -27.43
CA ASN A 539 36.39 -3.75 -26.64
C ASN A 539 35.36 -3.28 -25.61
N ASN A 540 34.08 -3.36 -25.95
CA ASN A 540 33.07 -2.82 -25.06
C ASN A 540 32.19 -3.86 -24.41
N ASP A 541 32.13 -3.83 -23.09
CA ASP A 541 31.22 -4.66 -22.31
C ASP A 541 30.08 -3.80 -21.75
N GLU A 542 29.99 -2.59 -22.27
CA GLU A 542 29.00 -1.60 -21.84
C GLU A 542 27.61 -1.94 -22.33
N ASN A 543 26.62 -1.35 -21.66
CA ASN A 543 25.21 -1.58 -21.98
C ASN A 543 24.80 -1.11 -23.36
N ILE A 544 23.87 -1.84 -23.96
CA ILE A 544 23.37 -1.51 -25.27
C ILE A 544 21.98 -0.94 -25.12
N ASP A 545 21.81 0.31 -25.53
CA ASP A 545 20.50 0.93 -25.44
C ASP A 545 19.81 0.60 -26.73
N PHE A 546 18.98 -0.43 -26.69
CA PHE A 546 18.27 -0.83 -27.89
C PHE A 546 17.31 0.23 -28.36
N PHE A 547 16.65 0.88 -27.41
CA PHE A 547 15.65 1.87 -27.71
C PHE A 547 16.25 3.25 -27.52
N GLY A 548 16.04 4.12 -28.49
CA GLY A 548 16.68 5.43 -28.45
C GLY A 548 18.10 5.36 -28.95
N GLY A 549 18.48 4.22 -29.49
CA GLY A 549 19.80 4.06 -30.08
C GLY A 549 20.16 5.22 -30.98
N LYS A 553 24.79 -0.40 -34.98
CA LYS A 553 23.73 -1.38 -35.05
C LYS A 553 24.22 -2.65 -35.71
N ASN A 554 25.32 -3.19 -35.19
CA ASN A 554 25.84 -4.44 -35.67
C ASN A 554 26.06 -5.32 -34.47
N TYR A 555 24.96 -5.72 -33.88
CA TYR A 555 24.97 -6.58 -32.71
C TYR A 555 25.31 -8.00 -33.08
N VAL A 556 25.91 -8.68 -32.12
CA VAL A 556 26.22 -10.09 -32.24
C VAL A 556 25.72 -10.70 -30.94
N LEU A 557 25.41 -11.97 -30.98
CA LEU A 557 24.83 -12.64 -29.84
C LEU A 557 25.77 -12.64 -28.66
N ASP A 558 25.21 -12.54 -27.46
CA ASP A 558 26.00 -12.59 -26.25
C ASP A 558 26.53 -13.98 -26.05
N LYS A 559 27.69 -14.06 -25.42
CA LYS A 559 28.30 -15.34 -25.10
C LYS A 559 27.45 -16.14 -24.13
N LYS A 560 26.85 -15.45 -23.17
CA LYS A 560 26.18 -16.14 -22.08
C LYS A 560 24.67 -16.34 -22.24
N ILE A 561 24.21 -16.47 -23.47
CA ILE A 561 22.78 -16.68 -23.72
C ILE A 561 22.27 -18.02 -23.18
N LEU A 562 21.08 -17.97 -22.60
CA LEU A 562 20.42 -19.04 -21.87
C LEU A 562 20.03 -20.16 -22.80
N ASN A 563 19.60 -19.86 -24.02
CA ASN A 563 19.22 -20.93 -24.91
C ASN A 563 17.76 -21.26 -24.71
N SER A 564 17.22 -20.72 -23.63
CA SER A 564 15.79 -20.61 -23.45
C SER A 564 15.36 -19.47 -24.35
N LYS A 565 16.21 -18.45 -24.37
CA LYS A 565 16.00 -17.22 -25.14
C LYS A 565 16.02 -17.41 -26.65
N ILE A 566 16.91 -18.26 -27.13
CA ILE A 566 17.07 -18.39 -28.57
C ILE A 566 15.76 -18.85 -29.15
N LYS A 567 15.11 -19.77 -28.47
CA LYS A 567 13.83 -20.28 -28.97
C LYS A 567 12.77 -19.20 -29.09
N ILE A 568 12.68 -18.32 -28.10
CA ILE A 568 11.82 -17.16 -28.20
C ILE A 568 12.37 -16.16 -29.19
N ILE A 569 13.67 -15.91 -29.11
CA ILE A 569 14.31 -14.96 -30.01
C ILE A 569 14.24 -15.41 -31.46
N ARG A 570 14.46 -16.70 -31.67
CA ARG A 570 14.34 -17.29 -32.99
C ARG A 570 12.92 -17.20 -33.54
N ASP A 571 11.95 -17.43 -32.68
CA ASP A 571 10.55 -17.43 -33.08
C ASP A 571 10.14 -16.07 -33.59
N LEU A 572 10.67 -15.06 -32.93
CA LEU A 572 10.34 -13.68 -33.22
C LEU A 572 10.93 -13.20 -34.52
N ASP A 573 11.87 -13.97 -35.06
CA ASP A 573 12.54 -13.60 -36.29
C ASP A 573 13.58 -12.53 -36.00
N PHE A 574 13.88 -12.34 -34.74
CA PHE A 574 15.01 -11.53 -34.36
C PHE A 574 16.31 -12.17 -34.81
N ILE A 575 16.37 -13.49 -34.71
CA ILE A 575 17.58 -14.20 -35.05
C ILE A 575 17.45 -15.05 -36.30
N ASP A 576 18.41 -14.87 -37.20
CA ASP A 576 18.56 -15.65 -38.43
C ASP A 576 19.14 -17.03 -38.11
N ASN A 577 19.06 -17.93 -39.08
CA ASN A 577 19.63 -19.24 -38.86
C ASN A 577 21.12 -19.20 -38.60
N LYS A 578 21.57 -20.12 -37.75
CA LYS A 578 22.95 -20.17 -37.27
C LYS A 578 23.13 -19.20 -36.13
N ASN A 579 22.05 -18.57 -35.71
CA ASN A 579 22.09 -17.62 -34.61
C ASN A 579 22.61 -16.24 -35.00
N ASN A 580 22.70 -15.96 -36.29
CA ASN A 580 23.05 -14.62 -36.74
C ASN A 580 21.86 -13.67 -36.72
N ILE A 581 22.10 -12.42 -36.37
CA ILE A 581 21.02 -11.48 -36.10
C ILE A 581 20.16 -11.08 -37.31
N THR A 582 18.85 -11.04 -37.10
CA THR A 582 17.90 -10.80 -38.18
C THR A 582 17.80 -9.37 -38.68
N ASN A 583 17.33 -9.24 -39.92
CA ASN A 583 17.04 -7.94 -40.50
C ASN A 583 15.90 -7.23 -39.78
N ASN A 584 14.87 -8.00 -39.43
CA ASN A 584 13.67 -7.43 -38.82
C ASN A 584 13.90 -6.77 -37.48
N PHE A 585 14.78 -7.35 -36.70
CA PHE A 585 15.00 -6.90 -35.36
C PHE A 585 15.45 -5.45 -35.44
N ILE A 586 16.25 -5.15 -36.44
CA ILE A 586 16.72 -3.79 -36.67
C ILE A 586 15.65 -2.73 -37.03
N ARG A 587 14.65 -3.07 -37.82
CA ARG A 587 13.58 -2.09 -38.09
C ARG A 587 12.31 -2.35 -37.31
N LYS A 588 11.85 -3.59 -37.30
CA LYS A 588 10.56 -3.87 -36.72
C LYS A 588 10.56 -3.62 -35.24
N PHE A 589 11.55 -4.14 -34.54
CA PHE A 589 11.55 -4.08 -33.09
C PHE A 589 12.26 -2.89 -32.49
N THR A 590 13.47 -2.63 -32.94
CA THR A 590 14.24 -1.51 -32.42
C THR A 590 13.66 -0.18 -32.82
N LYS A 591 13.27 -0.04 -34.07
CA LYS A 591 12.74 1.22 -34.54
C LYS A 591 11.42 1.59 -33.88
N ILE A 592 10.55 0.60 -33.73
CA ILE A 592 9.26 0.84 -33.12
C ILE A 592 9.41 1.09 -31.63
N GLY A 593 10.25 0.30 -31.00
CA GLY A 593 10.49 0.46 -29.58
C GLY A 593 10.97 1.85 -29.32
N THR A 594 11.94 2.36 -30.08
CA THR A 594 12.42 3.73 -29.81
C THR A 594 11.44 4.85 -30.06
N ASN A 595 10.79 4.84 -31.20
CA ASN A 595 9.71 5.82 -31.44
C ASN A 595 8.66 5.83 -30.32
N GLU A 596 8.24 4.64 -29.89
CA GLU A 596 7.35 4.45 -28.76
C GLU A 596 7.91 4.87 -27.39
N ARG A 597 9.19 4.64 -27.19
CA ARG A 597 9.85 5.09 -25.98
C ARG A 597 9.80 6.60 -25.92
N ASN A 598 10.09 7.23 -27.05
CA ASN A 598 10.01 8.68 -27.21
C ASN A 598 8.64 9.34 -27.23
N ARG A 599 7.58 8.63 -27.59
CA ARG A 599 6.24 9.23 -27.42
C ARG A 599 5.95 9.40 -25.93
N ILE A 600 6.43 8.48 -25.14
CA ILE A 600 6.21 8.57 -23.72
C ILE A 600 7.01 9.72 -23.17
N LEU A 601 8.26 9.78 -23.53
CA LEU A 601 9.14 10.75 -22.95
C LEU A 601 8.93 12.17 -23.38
N HIS A 602 8.56 12.38 -24.63
CA HIS A 602 8.52 13.70 -25.20
C HIS A 602 7.12 14.21 -25.36
N ALA A 603 6.21 13.58 -24.67
CA ALA A 603 4.84 14.00 -24.68
C ALA A 603 4.37 14.15 -26.08
N ILE A 604 4.89 13.28 -26.95
CA ILE A 604 4.33 13.11 -28.27
C ILE A 604 3.12 12.22 -28.18
N SER A 605 1.94 12.63 -28.64
CA SER A 605 1.64 13.96 -29.07
C SER A 605 0.81 13.93 -30.33
N LYS A 606 1.17 13.00 -31.22
CA LYS A 606 0.76 13.02 -32.62
C LYS A 606 -0.01 11.78 -33.05
N GLU A 607 0.04 11.52 -34.36
CA GLU A 607 -0.69 10.45 -35.03
C GLU A 607 -0.30 9.07 -34.56
N ARG A 608 0.93 8.91 -34.10
CA ARG A 608 1.39 7.60 -33.65
C ARG A 608 1.19 6.58 -34.75
N ASP A 609 1.68 6.85 -35.95
CA ASP A 609 2.79 7.77 -36.32
C ASP A 609 3.57 6.97 -37.34
N LEU A 610 3.75 5.70 -37.03
CA LEU A 610 4.09 4.73 -38.02
C LEU A 610 2.78 4.61 -38.76
N GLN A 611 2.85 4.67 -40.08
CA GLN A 611 1.64 4.55 -40.88
C GLN A 611 1.11 3.17 -40.57
N GLY A 612 2.06 2.26 -40.41
CA GLY A 612 3.46 2.62 -40.36
C GLY A 612 4.19 1.33 -40.11
N THR A 613 5.33 1.39 -39.46
CA THR A 613 6.09 0.19 -39.21
C THR A 613 5.16 -0.73 -38.42
N GLN A 614 5.19 -2.02 -38.77
CA GLN A 614 4.39 -3.10 -38.15
C GLN A 614 3.15 -3.51 -38.93
N ASP A 615 2.96 -4.81 -39.07
CA ASP A 615 1.92 -5.39 -39.91
C ASP A 615 1.39 -6.66 -39.31
N ASP A 616 0.20 -7.07 -39.72
CA ASP A 616 -0.49 -8.16 -39.05
C ASP A 616 0.39 -9.36 -39.14
N TYR A 617 1.06 -9.52 -40.27
CA TYR A 617 1.95 -10.64 -40.41
C TYR A 617 3.02 -10.51 -39.35
N ASN A 618 3.53 -9.30 -39.16
CA ASN A 618 4.56 -9.09 -38.16
C ASN A 618 3.97 -9.40 -36.81
N LYS A 619 2.77 -8.91 -36.60
CA LYS A 619 2.00 -9.13 -35.39
C LYS A 619 1.58 -10.56 -35.18
N VAL A 620 1.20 -11.23 -36.25
CA VAL A 620 0.64 -12.57 -36.13
C VAL A 620 1.65 -13.52 -35.53
N ILE A 621 2.92 -13.29 -35.79
CA ILE A 621 3.97 -14.11 -35.23
C ILE A 621 3.93 -14.00 -33.72
N ASN A 622 3.67 -12.82 -33.23
CA ASN A 622 3.52 -12.59 -31.81
C ASN A 622 2.33 -13.29 -31.18
N ILE A 623 1.20 -13.26 -31.87
CA ILE A 623 0.01 -13.89 -31.37
C ILE A 623 0.22 -15.39 -31.32
N ILE A 624 0.87 -15.90 -32.36
CA ILE A 624 1.06 -17.33 -32.53
C ILE A 624 2.05 -17.85 -31.48
N GLN A 625 2.97 -16.98 -31.09
CA GLN A 625 3.90 -17.27 -30.04
C GLN A 625 3.22 -17.44 -28.69
N ASN A 626 2.30 -16.54 -28.37
CA ASN A 626 1.53 -16.62 -27.14
C ASN A 626 0.65 -17.84 -27.09
N LEU A 627 0.03 -18.17 -28.21
CA LEU A 627 -0.85 -19.32 -28.28
C LEU A 627 -0.10 -20.62 -28.00
N LYS A 628 1.12 -20.69 -28.51
CA LYS A 628 1.95 -21.88 -28.36
C LYS A 628 2.28 -22.25 -26.93
N ILE A 629 2.48 -21.26 -26.07
CA ILE A 629 2.91 -21.53 -24.70
C ILE A 629 1.95 -22.36 -23.86
N SER A 630 0.66 -22.17 -24.05
CA SER A 630 -0.33 -22.89 -23.23
C SER A 630 -0.29 -24.39 -23.42
N ASP A 631 -0.25 -25.12 -22.31
CA ASP A 631 -0.43 -26.57 -22.28
C ASP A 631 -1.88 -26.86 -22.50
N GLU A 632 -2.19 -27.91 -23.25
CA GLU A 632 -3.60 -28.27 -23.37
C GLU A 632 -4.20 -28.86 -22.11
N GLU A 633 -5.52 -28.71 -21.98
CA GLU A 633 -6.20 -29.08 -20.74
C GLU A 633 -6.00 -30.54 -20.48
N VAL A 634 -6.06 -31.33 -21.53
CA VAL A 634 -5.94 -32.77 -21.38
C VAL A 634 -4.64 -33.06 -20.67
N SER A 635 -3.61 -32.31 -21.04
CA SER A 635 -2.33 -32.44 -20.39
C SER A 635 -2.41 -32.05 -18.94
N LYS A 636 -3.13 -30.98 -18.67
CA LYS A 636 -3.11 -30.41 -17.35
C LYS A 636 -4.09 -31.14 -16.47
N ALA A 637 -4.02 -32.45 -16.52
CA ALA A 637 -4.72 -33.32 -15.60
C ALA A 637 -3.70 -33.99 -14.69
N LEU A 638 -2.50 -33.48 -14.58
CA LEU A 638 -1.62 -34.15 -13.66
C LEU A 638 -1.99 -33.80 -12.24
N ASN A 639 -2.91 -32.87 -12.08
CA ASN A 639 -3.60 -32.74 -10.84
C ASN A 639 -4.53 -33.89 -10.93
N LEU A 640 -4.39 -34.84 -10.03
CA LEU A 640 -4.98 -36.12 -10.25
C LEU A 640 -6.49 -36.22 -10.11
N ASP A 641 -7.17 -36.31 -11.25
CA ASP A 641 -8.59 -36.64 -11.30
C ASP A 641 -8.90 -37.91 -10.55
N VAL A 642 -7.86 -38.57 -10.10
CA VAL A 642 -7.97 -39.66 -9.17
C VAL A 642 -8.68 -39.10 -7.97
N VAL A 643 -8.33 -37.88 -7.67
CA VAL A 643 -8.94 -37.16 -6.59
C VAL A 643 -10.44 -37.03 -6.83
N PHE A 644 -10.80 -36.75 -8.07
CA PHE A 644 -12.15 -36.36 -8.42
C PHE A 644 -13.01 -37.52 -8.83
N LYS A 645 -12.41 -38.69 -8.92
CA LYS A 645 -13.14 -39.82 -9.40
C LYS A 645 -13.93 -40.24 -8.21
N ASP A 646 -14.89 -39.40 -7.83
CA ASP A 646 -15.85 -39.81 -6.81
C ASP A 646 -17.35 -39.59 -7.06
N LYS A 647 -17.85 -38.37 -7.28
CA LYS A 647 -17.16 -37.07 -7.45
C LYS A 647 -16.73 -36.68 -8.85
N LYS A 648 -16.98 -37.54 -9.82
CA LYS A 648 -16.84 -37.17 -11.22
C LYS A 648 -17.85 -36.07 -11.48
N ASN A 649 -18.97 -36.19 -10.81
CA ASN A 649 -20.17 -35.45 -11.11
C ASN A 649 -20.06 -33.94 -11.02
N ILE A 650 -19.33 -33.42 -10.04
CA ILE A 650 -19.21 -31.97 -9.94
C ILE A 650 -18.54 -31.42 -11.16
N ILE A 651 -17.52 -32.11 -11.64
CA ILE A 651 -16.72 -31.57 -12.73
C ILE A 651 -17.57 -31.37 -13.99
N THR A 652 -18.45 -32.31 -14.32
CA THR A 652 -19.29 -32.06 -15.49
C THR A 652 -20.22 -30.89 -15.23
N LYS A 653 -20.67 -30.74 -14.00
CA LYS A 653 -21.54 -29.64 -13.66
C LYS A 653 -20.89 -28.29 -13.93
N ILE A 654 -19.61 -28.15 -13.60
CA ILE A 654 -18.87 -26.93 -13.90
C ILE A 654 -18.64 -26.62 -15.38
N ASN A 655 -18.29 -27.61 -16.16
CA ASN A 655 -18.06 -27.40 -17.59
C ASN A 655 -19.38 -26.99 -18.20
N ASP A 656 -20.45 -27.50 -17.62
CA ASP A 656 -21.80 -27.25 -18.04
C ASP A 656 -22.25 -25.83 -17.79
N ILE A 657 -21.51 -25.10 -16.95
CA ILE A 657 -21.79 -23.69 -16.76
C ILE A 657 -21.58 -23.02 -18.08
N LYS A 658 -22.46 -22.10 -18.43
CA LYS A 658 -22.30 -21.38 -19.66
C LYS A 658 -21.96 -19.95 -19.36
N ILE A 659 -20.91 -19.48 -20.00
CA ILE A 659 -20.37 -18.18 -19.76
C ILE A 659 -20.23 -17.54 -21.11
N SER A 660 -20.24 -16.21 -21.16
CA SER A 660 -19.97 -15.54 -22.40
C SER A 660 -18.71 -14.72 -22.27
N GLU A 661 -17.98 -14.65 -23.38
CA GLU A 661 -16.61 -14.14 -23.41
C GLU A 661 -16.63 -12.63 -23.59
N GLU A 662 -17.81 -12.05 -23.47
CA GLU A 662 -17.99 -10.63 -23.67
C GLU A 662 -17.05 -9.95 -22.71
N ASN A 663 -16.85 -10.57 -21.56
CA ASN A 663 -16.00 -10.07 -20.48
C ASN A 663 -16.76 -9.16 -19.50
N ASN A 664 -17.99 -8.83 -19.82
CA ASN A 664 -18.89 -8.21 -18.84
C ASN A 664 -18.46 -6.82 -18.40
N ASN A 665 -17.24 -6.74 -17.89
CA ASN A 665 -16.64 -5.52 -17.37
C ASN A 665 -16.78 -5.33 -15.85
N ASP A 666 -17.63 -6.13 -15.24
CA ASP A 666 -17.67 -6.27 -13.80
C ASP A 666 -16.41 -6.96 -13.30
N ILE A 667 -15.92 -7.91 -14.07
CA ILE A 667 -14.85 -8.80 -13.68
C ILE A 667 -13.57 -8.05 -13.35
N LYS A 668 -13.36 -6.94 -14.04
CA LYS A 668 -12.14 -6.20 -13.87
C LYS A 668 -12.04 -5.76 -12.42
N TYR A 669 -13.17 -5.43 -11.84
CA TYR A 669 -13.19 -4.85 -10.53
C TYR A 669 -13.08 -5.83 -9.37
N LEU A 670 -13.20 -7.14 -9.64
CA LEU A 670 -13.24 -8.13 -8.59
C LEU A 670 -11.84 -8.55 -8.16
N PRO A 671 -11.70 -9.14 -6.97
CA PRO A 671 -10.36 -9.51 -6.54
C PRO A 671 -9.75 -10.58 -7.39
N SER A 672 -8.43 -10.60 -7.44
CA SER A 672 -7.69 -11.69 -8.05
C SER A 672 -8.02 -13.00 -7.33
N PHE A 673 -7.92 -14.13 -8.05
CA PHE A 673 -8.26 -15.37 -7.39
C PHE A 673 -7.33 -15.64 -6.21
N SER A 674 -6.11 -15.12 -6.33
CA SER A 674 -5.11 -15.14 -5.29
C SER A 674 -5.64 -14.60 -3.97
N LYS A 675 -6.37 -13.50 -4.02
CA LYS A 675 -7.07 -13.06 -2.81
C LYS A 675 -8.08 -14.08 -2.33
N VAL A 676 -8.88 -14.66 -3.21
CA VAL A 676 -9.96 -15.45 -2.68
C VAL A 676 -9.43 -16.83 -2.25
N LEU A 677 -8.36 -17.28 -2.87
CA LEU A 677 -7.82 -18.62 -2.60
C LEU A 677 -7.84 -19.06 -1.12
N PRO A 678 -7.27 -18.27 -0.23
CA PRO A 678 -7.08 -18.70 1.15
C PRO A 678 -8.40 -19.02 1.81
N GLU A 679 -9.42 -18.21 1.58
CA GLU A 679 -10.71 -18.49 2.15
C GLU A 679 -11.21 -19.81 1.61
N ILE A 680 -10.95 -20.06 0.34
CA ILE A 680 -11.37 -21.33 -0.24
C ILE A 680 -10.64 -22.43 0.50
N LEU A 681 -9.37 -22.21 0.74
CA LEU A 681 -8.59 -23.17 1.50
C LEU A 681 -9.18 -23.24 2.88
N ASN A 682 -9.48 -22.07 3.44
CA ASN A 682 -9.84 -21.96 4.83
C ASN A 682 -11.09 -22.73 5.12
N LEU A 683 -12.03 -22.66 4.20
CA LEU A 683 -13.30 -23.33 4.39
C LEU A 683 -13.23 -24.87 4.43
N TYR A 684 -12.43 -25.43 3.54
CA TYR A 684 -12.32 -26.86 3.41
C TYR A 684 -11.72 -27.39 4.69
N ARG A 685 -10.67 -26.76 5.20
CA ARG A 685 -10.22 -27.15 6.51
C ARG A 685 -11.24 -26.79 7.58
N ASN A 686 -11.82 -25.60 7.51
CA ASN A 686 -12.76 -25.17 8.53
C ASN A 686 -13.97 -26.08 8.64
N ASN A 687 -14.47 -26.50 7.48
CA ASN A 687 -15.56 -27.45 7.43
C ASN A 687 -15.20 -28.60 8.36
N PRO A 688 -16.15 -29.02 9.17
CA PRO A 688 -15.91 -30.04 10.17
C PRO A 688 -15.55 -31.39 9.61
N LYS A 689 -16.24 -31.79 8.55
CA LYS A 689 -16.28 -33.19 8.16
C LYS A 689 -14.95 -33.74 7.68
N ASN A 690 -14.20 -32.97 6.93
CA ASN A 690 -13.03 -33.52 6.26
C ASN A 690 -12.04 -34.19 7.21
N GLU A 691 -11.51 -35.32 6.77
CA GLU A 691 -10.58 -36.14 7.52
C GLU A 691 -9.17 -35.58 7.61
N PRO A 692 -8.38 -36.06 8.55
CA PRO A 692 -7.02 -35.59 8.73
C PRO A 692 -6.20 -35.90 7.50
N PHE A 693 -5.24 -35.05 7.16
CA PHE A 693 -4.40 -35.34 6.00
C PHE A 693 -3.21 -36.24 6.32
N ASP A 694 -3.10 -37.30 5.54
CA ASP A 694 -2.00 -38.24 5.70
C ASP A 694 -0.76 -37.42 5.52
N THR A 695 0.28 -38.02 4.98
CA THR A 695 1.54 -37.36 4.80
C THR A 695 1.44 -36.27 3.78
N ILE A 696 2.33 -36.28 2.80
CA ILE A 696 2.17 -35.27 1.77
C ILE A 696 3.35 -35.23 0.79
N GLU A 697 3.18 -35.59 -0.48
CA GLU A 697 1.94 -36.03 -1.14
C GLU A 697 0.61 -35.53 -0.59
N THR A 698 -0.37 -36.42 -0.55
CA THR A 698 -1.79 -36.12 -0.43
C THR A 698 -2.40 -34.73 -0.29
N GLU A 699 -2.05 -34.06 0.79
CA GLU A 699 -2.44 -32.68 1.00
C GLU A 699 -1.93 -31.78 -0.08
N LYS A 700 -0.71 -32.03 -0.52
CA LYS A 700 -0.18 -31.26 -1.62
C LYS A 700 -0.94 -31.68 -2.85
N ILE A 701 -1.33 -32.94 -2.88
CA ILE A 701 -1.96 -33.49 -4.04
C ILE A 701 -3.47 -33.34 -4.02
N VAL A 702 -4.05 -33.02 -2.88
CA VAL A 702 -5.50 -32.89 -2.80
C VAL A 702 -5.80 -31.42 -2.95
N LEU A 703 -5.10 -30.57 -2.23
CA LEU A 703 -5.39 -29.16 -2.27
C LEU A 703 -5.15 -28.58 -3.64
N ASN A 704 -4.05 -29.01 -4.25
CA ASN A 704 -3.63 -28.40 -5.49
C ASN A 704 -4.66 -28.59 -6.58
N ALA A 705 -5.21 -29.80 -6.67
CA ALA A 705 -6.26 -30.07 -7.62
C ALA A 705 -7.46 -29.22 -7.28
N LEU A 706 -7.76 -29.15 -5.99
CA LEU A 706 -8.90 -28.37 -5.53
C LEU A 706 -8.74 -26.87 -5.81
N ILE A 707 -7.55 -26.35 -5.61
CA ILE A 707 -7.30 -24.93 -5.82
C ILE A 707 -7.49 -24.54 -7.28
N TYR A 708 -6.95 -25.35 -8.17
CA TYR A 708 -6.99 -25.06 -9.59
C TYR A 708 -8.42 -25.07 -10.11
N VAL A 709 -9.21 -26.03 -9.64
CA VAL A 709 -10.62 -26.10 -10.00
C VAL A 709 -11.37 -24.89 -9.48
N ASN A 710 -11.06 -24.50 -8.26
CA ASN A 710 -11.65 -23.32 -7.66
C ASN A 710 -11.25 -22.07 -8.41
N LYS A 711 -10.00 -22.05 -8.85
CA LYS A 711 -9.49 -20.94 -9.64
C LYS A 711 -10.24 -20.81 -10.95
N GLU A 712 -10.52 -21.92 -11.60
CA GLU A 712 -11.30 -21.88 -12.82
C GLU A 712 -12.82 -21.77 -12.56
N LEU A 713 -13.25 -22.13 -11.36
CA LEU A 713 -14.65 -21.96 -11.00
C LEU A 713 -14.95 -20.50 -10.63
N TYR A 714 -14.05 -19.89 -9.85
CA TYR A 714 -14.10 -18.44 -9.61
C TYR A 714 -14.38 -17.75 -10.90
N LYS A 715 -13.70 -18.14 -11.98
CA LYS A 715 -13.85 -17.38 -13.22
C LYS A 715 -15.14 -17.69 -13.98
N LYS A 716 -15.54 -18.95 -14.02
CA LYS A 716 -16.80 -19.31 -14.69
C LYS A 716 -17.99 -18.73 -13.96
N LEU A 717 -17.97 -18.70 -12.63
CA LEU A 717 -19.13 -18.16 -11.93
C LEU A 717 -19.29 -16.68 -12.27
N ILE A 718 -18.19 -15.95 -12.40
CA ILE A 718 -18.26 -14.52 -12.75
C ILE A 718 -18.76 -14.32 -14.19
N LEU A 719 -18.20 -15.09 -15.11
CA LEU A 719 -18.58 -14.96 -16.50
C LEU A 719 -19.86 -15.68 -16.85
N GLU A 720 -20.55 -16.29 -15.90
CA GLU A 720 -21.79 -16.95 -16.24
C GLU A 720 -22.80 -15.95 -16.78
N ASP A 721 -23.40 -16.28 -17.92
CA ASP A 721 -24.48 -15.51 -18.51
C ASP A 721 -25.79 -15.86 -17.82
N ASP A 722 -26.79 -15.01 -17.98
CA ASP A 722 -27.99 -15.13 -17.18
C ASP A 722 -28.66 -16.47 -17.37
N LEU A 723 -29.20 -16.99 -16.28
CA LEU A 723 -29.83 -18.30 -16.28
C LEU A 723 -31.10 -18.27 -17.10
N GLU A 724 -31.52 -19.45 -17.57
CA GLU A 724 -32.75 -19.59 -18.32
C GLU A 724 -33.96 -19.33 -17.45
N GLU A 725 -35.09 -19.02 -18.06
CA GLU A 725 -36.16 -18.40 -17.35
C GLU A 725 -36.74 -19.20 -16.21
N ASN A 726 -36.60 -20.51 -16.22
CA ASN A 726 -37.23 -21.30 -15.17
C ASN A 726 -36.38 -21.73 -13.99
N GLU A 727 -35.26 -21.06 -13.75
CA GLU A 727 -34.45 -21.40 -12.62
C GLU A 727 -34.65 -20.43 -11.50
N SER A 728 -34.65 -20.95 -10.30
CA SER A 728 -34.88 -20.13 -9.16
C SER A 728 -33.62 -19.41 -8.87
N LYS A 729 -32.51 -20.10 -9.09
CA LYS A 729 -31.14 -19.63 -8.76
C LYS A 729 -30.81 -18.21 -9.19
N ASN A 730 -29.90 -17.61 -8.43
CA ASN A 730 -29.33 -16.32 -8.73
C ASN A 730 -27.93 -16.51 -9.29
N ILE A 731 -27.61 -15.85 -10.40
CA ILE A 731 -26.26 -15.89 -10.95
C ILE A 731 -25.38 -15.15 -9.96
N PHE A 732 -24.10 -15.49 -9.86
CA PHE A 732 -23.32 -14.99 -8.74
C PHE A 732 -23.28 -13.47 -8.74
N LEU A 733 -23.08 -12.86 -9.90
CA LEU A 733 -22.89 -11.44 -9.91
C LEU A 733 -24.15 -10.81 -9.34
N GLN A 734 -25.31 -11.36 -9.69
CA GLN A 734 -26.58 -10.77 -9.26
C GLN A 734 -26.77 -10.79 -7.76
N GLU A 735 -26.33 -11.86 -7.12
CA GLU A 735 -26.35 -11.90 -5.67
C GLU A 735 -25.42 -10.85 -5.10
N LEU A 736 -24.25 -10.67 -5.73
CA LEU A 736 -23.26 -9.72 -5.27
C LEU A 736 -23.74 -8.29 -5.32
N LYS A 737 -24.39 -7.94 -6.41
CA LYS A 737 -24.90 -6.58 -6.64
C LYS A 737 -26.06 -6.32 -5.68
N LYS A 738 -26.86 -7.34 -5.46
CA LYS A 738 -27.90 -7.32 -4.45
C LYS A 738 -27.38 -7.16 -3.02
N THR A 739 -26.26 -7.81 -2.68
CA THR A 739 -25.73 -7.69 -1.31
C THR A 739 -25.18 -6.28 -1.07
N LEU A 740 -24.41 -5.77 -2.03
CA LEU A 740 -23.77 -4.46 -1.89
C LEU A 740 -24.75 -3.31 -1.94
N GLY A 741 -25.94 -3.54 -2.46
CA GLY A 741 -26.91 -2.48 -2.59
C GLY A 741 -28.16 -2.74 -1.77
N ASN A 742 -28.82 -1.68 -1.34
CA ASN A 742 -30.00 -1.81 -0.49
C ASN A 742 -31.18 -2.45 -1.21
N ILE A 743 -32.02 -3.11 -0.44
CA ILE A 743 -33.10 -3.93 -0.99
C ILE A 743 -34.11 -3.11 -1.77
N ASP A 744 -34.56 -3.70 -2.88
CA ASP A 744 -35.63 -3.15 -3.69
C ASP A 744 -35.09 -2.10 -4.62
N GLU A 745 -33.80 -1.87 -4.57
CA GLU A 745 -33.15 -0.90 -5.42
C GLU A 745 -31.99 -1.53 -6.17
N ILE A 746 -32.15 -2.80 -6.52
CA ILE A 746 -31.05 -3.63 -7.00
C ILE A 746 -30.74 -3.35 -8.47
N ASP A 747 -31.46 -2.39 -9.04
CA ASP A 747 -31.23 -2.01 -10.42
C ASP A 747 -30.09 -1.00 -10.50
N GLU A 748 -28.86 -1.50 -10.48
CA GLU A 748 -27.70 -0.63 -10.67
C GLU A 748 -26.45 -1.37 -11.13
N ASN A 749 -25.54 -0.64 -11.76
CA ASN A 749 -24.15 -1.07 -11.90
C ASN A 749 -23.32 -0.56 -10.73
N ILE A 750 -23.52 -1.20 -9.59
CA ILE A 750 -22.96 -0.83 -8.31
C ILE A 750 -21.56 -1.39 -8.12
N ILE A 751 -21.24 -2.52 -8.74
CA ILE A 751 -19.92 -3.10 -8.51
C ILE A 751 -18.82 -2.10 -8.81
N GLU A 752 -18.91 -1.51 -10.00
CA GLU A 752 -17.92 -0.56 -10.51
C GLU A 752 -17.82 0.67 -9.59
N ASN A 753 -18.96 1.24 -9.22
CA ASN A 753 -19.01 2.42 -8.36
C ASN A 753 -18.41 2.18 -6.98
N TYR A 754 -18.46 0.94 -6.52
CA TYR A 754 -17.86 0.64 -5.22
C TYR A 754 -16.34 0.59 -5.40
N TYR A 755 -15.88 -0.10 -6.42
CA TYR A 755 -14.47 -0.09 -6.67
C TYR A 755 -14.00 1.33 -6.96
N LYS A 756 -14.75 2.09 -7.76
CA LYS A 756 -14.25 3.43 -8.09
C LYS A 756 -14.23 4.32 -6.84
N ASN A 757 -15.26 4.23 -6.01
CA ASN A 757 -15.27 4.97 -4.74
C ASN A 757 -14.18 4.48 -3.81
N ALA A 758 -14.01 3.16 -3.73
CA ALA A 758 -12.93 2.60 -2.91
C ALA A 758 -11.58 2.98 -3.44
N GLN A 759 -11.42 3.10 -4.76
CA GLN A 759 -10.13 3.52 -5.31
C GLN A 759 -9.80 5.01 -5.01
N ILE A 760 -10.84 5.85 -4.94
CA ILE A 760 -10.68 7.28 -4.63
C ILE A 760 -10.38 7.47 -3.15
N SER A 761 -11.08 6.73 -2.32
CA SER A 761 -10.76 6.79 -0.91
C SER A 761 -9.26 6.56 -0.67
N ALA A 762 -8.74 5.44 -1.17
CA ALA A 762 -7.31 5.13 -1.13
C ALA A 762 -6.34 6.28 -1.48
N SER A 763 -6.88 7.24 -2.18
CA SER A 763 -6.22 8.30 -2.91
C SER A 763 -6.04 9.44 -1.96
N LYS A 764 -7.06 9.57 -1.15
CA LYS A 764 -7.20 10.57 -0.12
C LYS A 764 -6.72 10.02 1.22
N GLY A 765 -6.04 8.87 1.21
CA GLY A 765 -5.31 8.36 2.35
C GLY A 765 -5.97 7.29 3.20
N ASN A 766 -6.91 6.52 2.65
CA ASN A 766 -7.45 5.37 3.37
C ASN A 766 -6.89 4.09 2.77
N ASN A 767 -5.81 3.58 3.34
CA ASN A 767 -5.13 2.42 2.73
C ASN A 767 -5.91 1.12 2.80
N LYS A 768 -6.72 0.96 3.84
CA LYS A 768 -7.63 -0.17 3.88
C LYS A 768 -8.80 -0.06 2.89
N ALA A 769 -8.99 1.09 2.27
CA ALA A 769 -10.15 1.28 1.38
C ALA A 769 -10.35 0.10 0.44
N ILE A 770 -9.31 -0.25 -0.30
CA ILE A 770 -9.44 -1.34 -1.25
C ILE A 770 -9.53 -2.74 -0.63
N LYS A 771 -8.86 -3.01 0.52
CA LYS A 771 -9.03 -4.36 1.15
C LYS A 771 -10.43 -4.54 1.71
N LYS A 772 -10.98 -3.48 2.30
CA LYS A 772 -12.29 -3.55 2.93
C LYS A 772 -13.42 -3.89 1.96
N TYR A 773 -13.40 -3.22 0.82
CA TYR A 773 -14.27 -3.58 -0.33
C TYR A 773 -13.96 -4.99 -0.82
N GLN A 774 -12.68 -5.32 -0.96
CA GLN A 774 -12.37 -6.66 -1.45
C GLN A 774 -13.04 -7.72 -0.58
N LYS A 775 -12.81 -7.66 0.71
CA LYS A 775 -13.29 -8.74 1.57
C LYS A 775 -14.84 -8.94 1.55
N LYS A 776 -15.61 -7.85 1.47
CA LYS A 776 -17.04 -7.93 1.02
C LYS A 776 -17.21 -8.83 -0.23
N VAL A 777 -16.64 -8.45 -1.36
CA VAL A 777 -16.78 -9.28 -2.53
C VAL A 777 -16.46 -10.74 -2.21
N ILE A 778 -15.44 -10.97 -1.40
CA ILE A 778 -15.04 -12.33 -1.06
C ILE A 778 -16.13 -12.99 -0.22
N GLU A 779 -16.47 -12.37 0.90
CA GLU A 779 -17.54 -12.88 1.76
C GLU A 779 -18.74 -13.33 0.94
N CYS A 780 -19.28 -12.43 0.16
CA CYS A 780 -20.33 -12.80 -0.76
C CYS A 780 -19.95 -13.97 -1.70
N TYR A 781 -18.75 -14.03 -2.22
CA TYR A 781 -18.46 -15.20 -3.06
C TYR A 781 -18.37 -16.49 -2.25
N ILE A 782 -17.88 -16.41 -1.02
CA ILE A 782 -17.71 -17.58 -0.16
C ILE A 782 -19.10 -18.12 0.26
N GLY A 783 -19.99 -17.20 0.61
CA GLY A 783 -21.41 -17.53 0.72
C GLY A 783 -21.87 -18.31 -0.49
N TYR A 784 -21.72 -17.70 -1.67
CA TYR A 784 -22.21 -18.33 -2.89
C TYR A 784 -21.58 -19.71 -3.11
N LEU A 785 -20.33 -19.89 -2.72
CA LEU A 785 -19.74 -21.21 -2.80
C LEU A 785 -20.43 -22.20 -1.88
N ARG A 786 -20.66 -21.79 -0.63
CA ARG A 786 -21.31 -22.67 0.34
C ARG A 786 -22.71 -23.05 -0.12
N LYS A 787 -23.43 -22.10 -0.71
CA LYS A 787 -24.83 -22.39 -1.06
C LYS A 787 -25.00 -23.18 -2.31
N ASN A 788 -24.06 -23.13 -3.23
CA ASN A 788 -24.28 -23.85 -4.48
C ASN A 788 -23.26 -24.95 -4.78
N TYR A 789 -22.06 -24.86 -4.22
CA TYR A 789 -21.00 -25.87 -4.47
C TYR A 789 -20.49 -26.42 -3.14
N GLU A 790 -21.40 -26.96 -2.35
CA GLU A 790 -21.07 -27.52 -1.04
C GLU A 790 -20.30 -28.85 -1.12
N GLU A 791 -20.65 -29.67 -2.11
CA GLU A 791 -20.05 -31.00 -2.25
C GLU A 791 -18.57 -30.91 -2.54
N LEU A 792 -18.14 -29.80 -3.15
CA LEU A 792 -16.77 -29.68 -3.59
C LEU A 792 -15.78 -29.60 -2.44
N PHE A 793 -16.28 -29.37 -1.24
CA PHE A 793 -15.44 -29.38 -0.06
C PHE A 793 -15.89 -30.47 0.91
N ASP A 794 -16.92 -31.22 0.52
CA ASP A 794 -17.48 -32.28 1.36
C ASP A 794 -16.85 -33.59 0.92
N PHE A 795 -16.02 -34.13 1.79
CA PHE A 795 -15.18 -35.26 1.48
C PHE A 795 -15.26 -36.26 2.61
N SER A 796 -16.37 -36.95 2.73
CA SER A 796 -16.52 -37.90 3.81
C SER A 796 -15.47 -38.99 3.68
N ASP A 797 -15.20 -39.41 2.45
CA ASP A 797 -14.27 -40.51 2.24
C ASP A 797 -12.96 -40.08 1.59
N PHE A 798 -11.87 -40.44 2.24
CA PHE A 798 -10.55 -40.35 1.62
C PHE A 798 -9.51 -41.23 2.32
N LYS A 799 -8.40 -41.48 1.63
CA LYS A 799 -7.34 -42.33 2.14
C LYS A 799 -6.01 -41.60 2.09
N MET A 800 -5.15 -41.86 3.05
CA MET A 800 -3.83 -41.24 3.10
C MET A 800 -2.92 -41.62 1.94
N ASN A 801 -3.23 -42.74 1.27
CA ASN A 801 -2.40 -43.32 0.21
C ASN A 801 -1.44 -44.24 0.90
N ILE A 802 -0.69 -45.08 0.18
CA ILE A 802 -0.24 -44.94 -1.19
C ILE A 802 -1.34 -45.08 -2.22
N GLN A 803 -2.52 -45.49 -1.75
CA GLN A 803 -3.52 -46.10 -2.57
C GLN A 803 -3.80 -45.15 -3.72
N GLU A 804 -3.79 -43.87 -3.41
CA GLU A 804 -3.87 -42.81 -4.41
C GLU A 804 -2.71 -42.82 -5.39
N ILE A 805 -1.49 -43.02 -4.88
CA ILE A 805 -0.33 -43.01 -5.76
C ILE A 805 -0.56 -44.17 -6.70
N LYS A 806 -1.04 -45.27 -6.14
CA LYS A 806 -1.33 -46.43 -6.94
C LYS A 806 -2.41 -46.01 -7.90
N LYS A 807 -3.38 -45.25 -7.41
CA LYS A 807 -4.53 -44.92 -8.22
C LYS A 807 -4.11 -44.13 -9.44
N GLN A 808 -3.24 -43.14 -9.26
CA GLN A 808 -2.75 -42.35 -10.36
C GLN A 808 -1.94 -43.19 -11.34
N ILE A 809 -1.10 -44.06 -10.81
CA ILE A 809 -0.25 -44.90 -11.65
C ILE A 809 -1.07 -45.95 -12.39
N LYS A 810 -1.98 -46.59 -11.67
CA LYS A 810 -2.76 -47.66 -12.26
C LYS A 810 -3.54 -47.01 -13.38
N ASP A 811 -4.07 -45.84 -13.07
CA ASP A 811 -4.75 -44.99 -14.04
C ASP A 811 -3.80 -44.51 -15.12
N ILE A 812 -2.60 -44.12 -14.73
CA ILE A 812 -1.67 -43.59 -15.70
C ILE A 812 -1.28 -44.70 -16.65
N ASN A 813 -1.23 -44.41 -17.94
CA ASN A 813 -0.75 -45.36 -18.92
C ASN A 813 -1.75 -46.43 -19.37
N ASP A 814 -2.99 -46.30 -18.89
CA ASP A 814 -4.05 -47.13 -19.44
C ASP A 814 -4.44 -46.33 -20.66
N ASN A 815 -3.51 -46.28 -21.60
CA ASN A 815 -3.60 -45.37 -22.74
C ASN A 815 -4.85 -45.72 -23.51
N LYS A 816 -5.17 -47.00 -23.58
CA LYS A 816 -6.34 -47.42 -24.33
C LYS A 816 -7.52 -46.72 -23.70
N THR A 817 -7.51 -46.63 -22.37
CA THR A 817 -8.46 -45.79 -21.67
C THR A 817 -7.91 -44.37 -21.58
N TYR A 818 -7.85 -43.69 -22.71
CA TYR A 818 -7.19 -42.42 -22.77
C TYR A 818 -7.85 -41.36 -21.89
N GLU A 819 -9.18 -41.34 -21.86
CA GLU A 819 -9.93 -40.19 -21.36
C GLU A 819 -9.74 -39.91 -19.88
N ARG A 820 -9.55 -38.63 -19.56
CA ARG A 820 -9.47 -38.18 -18.19
C ARG A 820 -10.40 -37.00 -18.06
N ILE A 821 -10.96 -36.80 -16.86
CA ILE A 821 -11.79 -35.64 -16.64
C ILE A 821 -10.93 -34.42 -16.79
N THR A 822 -11.48 -33.38 -17.41
CA THR A 822 -10.74 -32.16 -17.63
C THR A 822 -11.63 -30.95 -17.42
N VAL A 823 -11.03 -29.84 -17.05
CA VAL A 823 -11.75 -28.57 -16.99
C VAL A 823 -11.76 -27.92 -18.37
N LYS A 824 -12.66 -26.97 -18.58
CA LYS A 824 -12.95 -26.46 -19.91
C LYS A 824 -11.75 -25.80 -20.60
N THR A 825 -11.00 -25.01 -19.86
CA THR A 825 -9.76 -24.46 -20.38
C THR A 825 -10.01 -23.26 -21.27
N SER A 826 -11.26 -22.86 -21.37
CA SER A 826 -11.60 -21.66 -22.12
C SER A 826 -11.16 -21.79 -23.57
N ASP A 827 -10.78 -20.67 -24.18
CA ASP A 827 -10.26 -20.63 -25.54
C ASP A 827 -9.43 -19.36 -25.65
N LYS A 828 -8.59 -19.25 -26.66
CA LYS A 828 -7.73 -18.07 -26.74
C LYS A 828 -7.96 -17.21 -27.96
N THR A 829 -8.15 -15.91 -27.73
CA THR A 829 -8.33 -14.95 -28.81
C THR A 829 -7.45 -13.73 -28.64
N ILE A 830 -6.16 -13.87 -28.90
CA ILE A 830 -5.25 -12.75 -28.76
C ILE A 830 -5.26 -11.92 -30.02
N VAL A 831 -5.44 -10.61 -29.85
CA VAL A 831 -5.45 -9.72 -30.98
C VAL A 831 -4.63 -8.48 -30.69
N ILE A 832 -3.97 -7.97 -31.71
CA ILE A 832 -3.18 -6.77 -31.55
C ILE A 832 -3.72 -5.73 -32.50
N ASN A 833 -3.91 -4.53 -32.01
CA ASN A 833 -4.42 -3.49 -32.85
C ASN A 833 -3.46 -2.36 -33.18
N ASP A 834 -2.46 -2.12 -32.36
CA ASP A 834 -1.47 -1.10 -32.65
C ASP A 834 -0.07 -1.58 -32.52
N ASP A 835 0.85 -0.81 -33.07
CA ASP A 835 2.29 -0.97 -32.76
C ASP A 835 2.60 -0.93 -31.27
N PHE A 836 1.85 -0.14 -30.49
CA PHE A 836 2.11 -0.05 -29.05
C PHE A 836 1.74 -1.35 -28.33
N GLU A 837 0.54 -1.88 -28.59
CA GLU A 837 0.17 -3.18 -28.03
C GLU A 837 1.17 -4.30 -28.37
N TYR A 838 1.92 -4.16 -29.46
CA TYR A 838 2.84 -5.22 -29.96
C TYR A 838 4.27 -5.10 -29.42
N ILE A 839 4.78 -3.90 -29.24
CA ILE A 839 6.05 -3.82 -28.54
C ILE A 839 5.85 -4.27 -27.12
N ILE A 840 4.69 -4.01 -26.53
CA ILE A 840 4.48 -4.33 -25.12
C ILE A 840 4.35 -5.82 -24.95
N SER A 841 3.45 -6.41 -25.72
CA SER A 841 3.29 -7.84 -25.67
C SER A 841 4.63 -8.52 -25.94
N ILE A 842 5.37 -8.11 -26.94
CA ILE A 842 6.73 -8.62 -27.10
C ILE A 842 7.50 -8.48 -25.80
N PHE A 843 7.62 -7.25 -25.30
CA PHE A 843 8.33 -6.99 -24.06
C PHE A 843 7.82 -7.90 -22.95
N ALA A 844 6.52 -8.05 -22.82
CA ALA A 844 5.97 -8.98 -21.84
C ALA A 844 6.63 -10.33 -21.98
N LEU A 845 6.68 -10.84 -23.23
CA LEU A 845 7.31 -12.14 -23.57
C LEU A 845 8.80 -12.22 -23.24
N LEU A 846 9.38 -11.11 -22.83
CA LEU A 846 10.82 -11.08 -22.69
C LEU A 846 11.32 -11.03 -21.29
N ASN A 847 10.46 -10.66 -20.35
CA ASN A 847 10.88 -10.61 -18.98
C ASN A 847 9.89 -11.08 -17.96
N SER A 848 10.37 -11.20 -16.75
CA SER A 848 9.80 -12.05 -15.73
C SER A 848 8.39 -11.67 -15.33
N ASN A 849 7.70 -12.67 -14.81
CA ASN A 849 6.30 -12.55 -14.43
C ASN A 849 6.12 -11.49 -13.37
N ALA A 850 7.08 -11.35 -12.48
CA ALA A 850 7.00 -10.33 -11.47
C ALA A 850 6.98 -8.93 -12.07
N VAL A 851 7.83 -8.69 -13.06
CA VAL A 851 7.82 -7.41 -13.76
C VAL A 851 6.59 -7.11 -14.61
N ILE A 852 6.09 -8.08 -15.36
CA ILE A 852 4.93 -7.82 -16.20
C ILE A 852 3.72 -7.55 -15.35
N ASN A 853 3.75 -8.10 -14.15
CA ASN A 853 2.69 -7.87 -13.18
C ASN A 853 2.55 -6.42 -12.75
N LYS A 854 3.66 -5.75 -12.51
CA LYS A 854 3.64 -4.37 -12.03
C LYS A 854 3.03 -3.38 -13.01
N ILE A 855 3.36 -3.52 -14.28
CA ILE A 855 2.84 -2.66 -15.32
C ILE A 855 1.47 -3.10 -15.81
N ARG A 856 1.05 -4.31 -15.46
CA ARG A 856 -0.29 -4.73 -15.81
C ARG A 856 -1.20 -3.96 -14.93
N ASN A 857 -0.95 -4.06 -13.63
CA ASN A 857 -1.83 -3.47 -12.63
C ASN A 857 -1.83 -1.94 -12.72
N ARG A 858 -0.71 -1.37 -13.16
CA ARG A 858 -0.66 0.04 -13.53
C ARG A 858 -1.47 0.34 -14.81
N PHE A 859 -1.50 -0.58 -15.78
CA PHE A 859 -2.43 -0.38 -16.88
C PHE A 859 -3.83 -0.35 -16.33
N PHE A 860 -4.09 -1.25 -15.38
CA PHE A 860 -5.41 -1.33 -14.81
C PHE A 860 -5.74 -0.04 -14.06
N ALA A 861 -4.86 0.36 -13.14
CA ALA A 861 -5.23 1.40 -12.21
C ALA A 861 -5.52 2.70 -12.93
N THR A 862 -4.85 2.91 -14.07
CA THR A 862 -5.04 4.12 -14.86
C THR A 862 -6.35 4.08 -15.63
N SER A 863 -6.61 2.98 -16.29
CA SER A 863 -7.85 2.85 -17.03
C SER A 863 -9.02 3.16 -16.13
N VAL A 864 -8.97 2.70 -14.88
CA VAL A 864 -10.12 2.93 -14.01
C VAL A 864 -10.20 4.41 -13.65
N TRP A 865 -9.07 4.97 -13.24
CA TRP A 865 -8.98 6.36 -12.81
C TRP A 865 -9.41 7.31 -13.92
N LEU A 866 -8.92 7.10 -15.14
CA LEU A 866 -9.29 7.93 -16.31
C LEU A 866 -10.54 7.50 -17.00
N ASN A 867 -11.07 6.35 -16.64
CA ASN A 867 -12.31 5.89 -17.20
C ASN A 867 -12.18 5.69 -18.72
N THR A 868 -11.06 5.13 -19.14
CA THR A 868 -10.89 4.80 -20.55
C THR A 868 -10.71 3.32 -20.75
N SER A 869 -11.05 2.90 -21.97
CA SER A 869 -10.89 1.54 -22.42
C SER A 869 -9.70 1.34 -23.38
N GLU A 870 -8.80 2.30 -23.45
CA GLU A 870 -7.63 2.18 -24.34
C GLU A 870 -6.89 0.89 -24.09
N TYR A 871 -6.70 0.58 -22.80
CA TYR A 871 -5.64 -0.33 -22.39
C TYR A 871 -6.14 -1.77 -22.16
N GLN A 872 -7.44 -1.97 -22.30
CA GLN A 872 -8.10 -3.19 -21.85
C GLN A 872 -7.55 -4.44 -22.53
N ASN A 873 -7.29 -4.33 -23.81
CA ASN A 873 -6.61 -5.34 -24.62
C ASN A 873 -5.24 -5.78 -24.05
N ILE A 874 -4.30 -4.84 -23.97
CA ILE A 874 -2.96 -5.17 -23.49
C ILE A 874 -3.01 -5.83 -22.09
N ILE A 875 -3.97 -5.39 -21.26
CA ILE A 875 -4.21 -6.03 -19.96
C ILE A 875 -4.53 -7.53 -20.14
N ASP A 876 -5.61 -7.82 -20.88
CA ASP A 876 -6.01 -9.20 -21.23
C ASP A 876 -4.78 -9.97 -21.75
N ILE A 877 -4.10 -9.38 -22.73
CA ILE A 877 -2.84 -9.92 -23.21
C ILE A 877 -1.92 -10.22 -22.02
N LEU A 878 -1.53 -9.17 -21.30
CA LEU A 878 -0.54 -9.34 -20.24
C LEU A 878 -0.99 -10.38 -19.25
N ASP A 879 -2.30 -10.40 -18.94
CA ASP A 879 -2.88 -11.50 -18.16
C ASP A 879 -2.57 -12.83 -18.80
N GLU A 880 -2.90 -13.01 -20.06
CA GLU A 880 -2.67 -14.30 -20.68
C GLU A 880 -1.19 -14.72 -20.65
N ILE A 881 -0.29 -13.83 -21.02
CA ILE A 881 1.08 -14.22 -21.02
C ILE A 881 1.55 -14.75 -19.70
N MET A 882 0.77 -14.50 -18.66
CA MET A 882 1.19 -14.74 -17.29
C MET A 882 0.59 -16.06 -16.81
N GLN A 883 -0.69 -16.25 -17.05
CA GLN A 883 -1.35 -17.47 -16.69
C GLN A 883 -0.72 -18.61 -17.48
N LEU A 884 -0.24 -18.31 -18.68
CA LEU A 884 0.47 -19.29 -19.49
C LEU A 884 1.86 -19.53 -18.94
N ASN A 885 2.54 -18.48 -18.50
CA ASN A 885 3.82 -18.70 -17.86
C ASN A 885 3.72 -19.58 -16.61
N THR A 886 2.73 -19.35 -15.77
CA THR A 886 2.73 -20.11 -14.51
C THR A 886 2.08 -21.49 -14.61
N LEU A 887 1.19 -21.71 -15.58
CA LEU A 887 0.75 -23.07 -15.88
C LEU A 887 1.82 -23.95 -16.55
N ARG A 888 2.59 -23.38 -17.45
CA ARG A 888 3.61 -24.20 -18.08
C ARG A 888 4.51 -24.71 -16.98
N ASN A 889 4.77 -23.89 -15.98
CA ASN A 889 5.55 -24.27 -14.82
C ASN A 889 4.91 -25.25 -13.87
N GLU A 890 3.59 -25.36 -13.96
CA GLU A 890 2.91 -26.47 -13.33
C GLU A 890 3.27 -27.77 -14.04
N CYS A 891 3.08 -27.78 -15.34
CA CYS A 891 3.20 -29.03 -16.06
C CYS A 891 4.61 -29.59 -15.99
N ILE A 892 5.56 -28.79 -16.43
CA ILE A 892 6.87 -29.35 -16.70
C ILE A 892 7.58 -29.89 -15.48
N THR A 893 7.61 -29.13 -14.40
CA THR A 893 8.39 -29.58 -13.25
C THR A 893 7.82 -30.82 -12.57
N GLU A 894 6.55 -30.82 -12.21
CA GLU A 894 5.99 -32.02 -11.60
C GLU A 894 5.90 -33.19 -12.58
N ASN A 895 5.48 -32.92 -13.81
CA ASN A 895 5.15 -34.02 -14.73
C ASN A 895 6.16 -34.43 -15.79
N TRP A 896 6.67 -33.47 -16.57
CA TRP A 896 7.64 -33.82 -17.59
C TRP A 896 8.88 -34.31 -16.89
N ASN A 897 9.19 -33.66 -15.80
CA ASN A 897 10.25 -33.99 -14.89
C ASN A 897 9.55 -33.74 -13.58
N LEU A 898 10.19 -34.04 -12.46
CA LEU A 898 11.61 -34.27 -12.37
C LEU A 898 11.82 -35.74 -12.69
N ASN A 899 12.89 -36.04 -13.44
CA ASN A 899 13.21 -37.42 -13.78
C ASN A 899 13.53 -38.21 -12.53
N LEU A 900 14.24 -37.57 -11.60
CA LEU A 900 14.54 -38.14 -10.30
C LEU A 900 15.77 -39.05 -10.32
N GLU A 901 16.40 -39.16 -11.48
CA GLU A 901 17.62 -39.93 -11.60
C GLU A 901 18.59 -38.98 -12.28
N GLU A 902 19.06 -38.01 -11.52
CA GLU A 902 19.63 -36.81 -12.08
C GLU A 902 20.84 -37.03 -12.95
N PHE A 903 21.74 -37.91 -12.55
CA PHE A 903 22.89 -38.11 -13.41
C PHE A 903 22.35 -38.60 -14.74
N ILE A 904 21.34 -39.46 -14.67
CA ILE A 904 20.69 -39.92 -15.88
C ILE A 904 19.97 -38.82 -16.64
N GLN A 905 19.24 -37.97 -15.93
CA GLN A 905 18.43 -36.96 -16.61
C GLN A 905 19.32 -36.01 -17.37
N LYS A 906 20.42 -35.62 -16.76
CA LYS A 906 21.38 -34.74 -17.45
C LYS A 906 21.80 -35.33 -18.81
N MET A 907 22.01 -36.64 -18.89
CA MET A 907 22.27 -37.30 -20.15
C MET A 907 20.98 -37.48 -20.99
N LYS A 908 19.82 -37.50 -20.34
CA LYS A 908 18.55 -37.47 -21.07
C LYS A 908 18.25 -36.10 -21.67
N GLU A 909 18.52 -35.04 -20.91
CA GLU A 909 18.43 -33.70 -21.46
C GLU A 909 19.47 -33.43 -22.54
N ILE A 910 20.71 -33.82 -22.28
CA ILE A 910 21.78 -33.59 -23.24
C ILE A 910 21.49 -34.25 -24.59
N GLU A 911 20.91 -35.45 -24.57
CA GLU A 911 20.42 -36.07 -25.79
C GLU A 911 19.43 -35.12 -26.47
N LYS A 912 18.56 -34.47 -25.70
CA LYS A 912 17.70 -33.42 -26.24
C LYS A 912 18.50 -32.23 -26.82
N ASP A 913 19.73 -32.02 -26.32
CA ASP A 913 20.62 -30.97 -26.86
C ASP A 913 21.51 -31.53 -27.96
N ILE A 1006 -0.58 -27.91 -27.34
CA ILE A 1006 0.83 -28.20 -27.55
C ILE A 1006 1.16 -29.52 -26.86
N LYS A 1007 2.33 -29.60 -26.23
CA LYS A 1007 2.74 -30.82 -25.55
C LYS A 1007 3.41 -30.53 -24.22
N SER A 1008 3.37 -31.50 -23.33
CA SER A 1008 3.93 -31.36 -21.99
C SER A 1008 5.19 -32.16 -21.77
N LYS A 1009 5.27 -33.33 -22.39
CA LYS A 1009 6.42 -34.20 -22.28
C LYS A 1009 7.73 -33.45 -22.27
N ILE A 1010 8.32 -33.09 -23.41
CA ILE A 1010 7.78 -33.23 -24.78
C ILE A 1010 8.44 -32.19 -25.67
N LEU A 1011 8.89 -31.13 -25.03
CA LEU A 1011 9.50 -30.01 -25.68
C LEU A 1011 9.57 -28.94 -24.62
N CYS A 1012 8.55 -28.89 -23.77
CA CYS A 1012 8.61 -27.92 -22.68
C CYS A 1012 9.85 -28.12 -21.83
N ARG A 1013 10.52 -29.23 -22.11
CA ARG A 1013 11.79 -29.58 -21.49
C ARG A 1013 12.83 -28.55 -21.90
N ILE A 1014 12.47 -27.66 -22.81
CA ILE A 1014 13.37 -26.61 -23.26
C ILE A 1014 13.78 -25.86 -22.02
N ILE A 1015 12.81 -25.64 -21.14
CA ILE A 1015 13.09 -24.95 -19.92
C ILE A 1015 14.12 -25.78 -19.15
N PHE A 1016 13.97 -27.09 -19.18
CA PHE A 1016 14.96 -27.93 -18.51
C PHE A 1016 16.29 -27.74 -19.20
N ASN A 1017 17.31 -27.45 -18.42
CA ASN A 1017 18.64 -27.21 -18.95
C ASN A 1017 19.67 -28.05 -18.25
N SER A 1018 20.59 -28.60 -19.03
CA SER A 1018 21.54 -29.54 -18.48
C SER A 1018 22.44 -28.90 -17.43
N ASP A 1019 22.91 -27.70 -17.69
CA ASP A 1019 23.82 -27.05 -16.75
C ASP A 1019 23.10 -26.80 -15.46
N PHE A 1020 21.85 -26.37 -15.56
CA PHE A 1020 21.08 -26.04 -14.38
C PHE A 1020 20.86 -27.29 -13.54
N LEU A 1021 20.56 -28.39 -14.19
CA LEU A 1021 20.34 -29.64 -13.49
C LEU A 1021 21.59 -30.08 -12.77
N LYS A 1022 22.74 -29.90 -13.43
CA LYS A 1022 23.99 -30.27 -12.81
C LYS A 1022 24.21 -29.41 -11.56
N LYS A 1023 23.91 -28.12 -11.69
CA LYS A 1023 24.05 -27.23 -10.56
C LYS A 1023 23.11 -27.64 -9.45
N TYR A 1024 21.89 -27.99 -9.84
CA TYR A 1024 20.87 -28.34 -8.87
C TYR A 1024 21.33 -29.58 -8.11
N LYS A 1025 21.83 -30.56 -8.83
CA LYS A 1025 22.32 -31.76 -8.17
C LYS A 1025 23.50 -31.43 -7.26
N LYS A 1026 24.40 -30.59 -7.74
CA LYS A 1026 25.61 -30.33 -6.99
C LYS A 1026 25.35 -29.60 -5.68
N GLU A 1027 24.47 -28.60 -5.71
CA GLU A 1027 24.16 -27.86 -4.51
C GLU A 1027 23.47 -28.72 -3.47
N ILE A 1028 22.56 -29.57 -3.91
CA ILE A 1028 21.88 -30.48 -3.01
C ILE A 1028 22.89 -31.45 -2.39
N ASP A 1029 23.82 -31.91 -3.21
CA ASP A 1029 24.82 -32.85 -2.75
C ASP A 1029 25.64 -32.20 -1.66
N ASN A 1030 25.93 -30.91 -1.83
CA ASN A 1030 26.70 -30.22 -0.83
C ASN A 1030 25.96 -30.22 0.49
N LEU A 1031 24.65 -30.01 0.44
CA LEU A 1031 23.85 -30.06 1.65
C LEU A 1031 23.85 -31.45 2.27
N ILE A 1032 23.69 -32.47 1.43
CA ILE A 1032 23.68 -33.85 1.90
C ILE A 1032 24.99 -34.41 2.44
N GLU A 1033 26.11 -34.06 1.83
CA GLU A 1033 27.37 -34.75 2.09
C GLU A 1033 27.80 -34.64 3.55
N ASP A 1034 28.23 -35.75 4.14
CA ASP A 1034 28.59 -35.73 5.54
C ASP A 1034 30.02 -35.26 5.74
N MET A 1035 30.25 -34.54 6.84
CA MET A 1035 31.58 -34.17 7.26
C MET A 1035 32.04 -35.17 8.31
N GLU A 1036 33.17 -35.81 8.03
CA GLU A 1036 33.79 -36.78 8.92
C GLU A 1036 32.89 -37.99 9.10
N SER A 1037 33.04 -38.65 10.24
CA SER A 1037 32.19 -39.77 10.60
C SER A 1037 30.78 -39.22 10.69
N GLU A 1038 30.66 -37.99 11.16
CA GLU A 1038 29.35 -37.41 11.37
C GLU A 1038 28.60 -37.50 10.04
N ASN A 1039 27.45 -38.14 10.07
CA ASN A 1039 26.68 -38.26 8.86
C ASN A 1039 25.26 -37.93 9.22
N GLU A 1040 24.33 -38.16 8.30
CA GLU A 1040 22.98 -37.77 8.57
C GLU A 1040 21.88 -38.54 7.87
N ASN A 1041 20.91 -38.91 8.70
CA ASN A 1041 19.59 -39.22 8.27
C ASN A 1041 18.91 -37.90 7.91
N LYS A 1042 19.07 -36.87 8.75
CA LYS A 1042 18.38 -35.64 8.45
C LYS A 1042 18.57 -35.30 6.97
N PHE A 1043 17.62 -34.52 6.44
CA PHE A 1043 17.42 -34.33 5.00
C PHE A 1043 16.93 -35.61 4.31
N GLN A 1044 16.26 -36.47 5.04
CA GLN A 1044 15.84 -37.70 4.41
C GLN A 1044 14.35 -37.62 4.14
N GLU A 1045 13.99 -37.81 2.87
CA GLU A 1045 12.60 -37.70 2.54
C GLU A 1045 12.29 -36.24 2.29
N ILE A 1046 13.30 -35.40 2.42
CA ILE A 1046 13.11 -34.00 2.11
C ILE A 1046 13.79 -33.73 0.79
N TYR A 1047 15.03 -34.19 0.70
CA TYR A 1047 15.78 -34.06 -0.54
C TYR A 1047 16.02 -35.41 -1.18
N TYR A 1048 15.93 -36.48 -0.40
CA TYR A 1048 16.14 -37.81 -0.95
C TYR A 1048 15.20 -38.89 -0.38
N PRO A 1049 14.88 -39.87 -1.19
CA PRO A 1049 14.34 -41.12 -0.69
C PRO A 1049 15.48 -41.84 0.01
N LYS A 1050 15.21 -42.78 0.91
CA LYS A 1050 13.92 -43.43 1.02
C LYS A 1050 13.45 -44.18 -0.24
N GLU A 1051 14.34 -44.84 -0.99
CA GLU A 1051 15.79 -44.80 -0.81
C GLU A 1051 16.54 -44.90 -2.15
N ARG A 1052 17.79 -44.45 -2.20
CA ARG A 1052 18.40 -43.68 -1.13
C ARG A 1052 19.47 -42.77 -1.72
N LYS A 1053 19.72 -41.63 -1.09
CA LYS A 1053 20.80 -40.77 -1.54
C LYS A 1053 20.62 -40.43 -3.02
N ASN A 1054 21.66 -40.64 -3.81
CA ASN A 1054 21.72 -40.17 -5.18
C ASN A 1054 20.77 -40.85 -6.15
N GLU A 1055 20.16 -41.95 -5.73
CA GLU A 1055 19.33 -42.73 -6.63
C GLU A 1055 18.18 -41.87 -7.15
N LEU A 1056 17.59 -41.07 -6.27
CA LEU A 1056 16.53 -40.17 -6.70
C LEU A 1056 16.68 -38.82 -6.05
N TYR A 1057 16.29 -37.78 -6.77
CA TYR A 1057 16.27 -36.45 -6.18
C TYR A 1057 14.84 -35.93 -6.07
N ILE A 1058 14.51 -35.46 -4.88
CA ILE A 1058 13.20 -34.93 -4.59
C ILE A 1058 13.12 -33.62 -5.35
N TYR A 1059 11.94 -33.22 -5.78
CA TYR A 1059 11.83 -31.95 -6.44
C TYR A 1059 11.49 -30.84 -5.47
N LYS A 1060 12.52 -30.15 -5.01
CA LYS A 1060 12.31 -28.95 -4.24
C LYS A 1060 12.17 -27.87 -5.29
N LYS A 1061 10.93 -27.54 -5.62
CA LYS A 1061 10.66 -26.66 -6.74
C LYS A 1061 11.24 -25.29 -6.53
N ASN A 1062 11.17 -24.81 -5.31
CA ASN A 1062 11.58 -23.45 -5.02
C ASN A 1062 13.04 -23.27 -5.36
N LEU A 1063 13.85 -24.29 -5.11
CA LEU A 1063 15.24 -24.25 -5.53
C LEU A 1063 15.43 -24.29 -7.05
N PHE A 1064 14.71 -25.20 -7.70
CA PHE A 1064 14.86 -25.41 -9.13
C PHE A 1064 14.42 -24.23 -9.97
N LEU A 1065 13.32 -23.65 -9.54
CA LEU A 1065 12.76 -22.54 -10.24
C LEU A 1065 13.71 -21.38 -10.10
N ASN A 1066 13.64 -20.47 -11.05
CA ASN A 1066 14.66 -19.45 -11.13
C ASN A 1066 16.02 -20.07 -11.42
N ILE A 1067 16.96 -19.90 -10.50
CA ILE A 1067 18.34 -20.24 -10.82
C ILE A 1067 18.51 -19.77 -12.24
N GLY A 1068 18.07 -18.54 -12.47
CA GLY A 1068 18.31 -17.82 -13.69
C GLY A 1068 19.79 -17.90 -13.95
N ASN A 1069 20.59 -17.23 -13.15
CA ASN A 1069 20.21 -16.12 -12.34
C ASN A 1069 21.53 -15.70 -11.83
N PRO A 1070 22.16 -14.91 -12.64
CA PRO A 1070 23.49 -14.41 -12.38
C PRO A 1070 23.61 -14.24 -10.89
N ASN A 1071 22.56 -13.76 -10.26
CA ASN A 1071 22.53 -13.47 -8.84
C ASN A 1071 22.67 -14.71 -7.98
N PHE A 1072 22.05 -15.79 -8.43
CA PHE A 1072 21.72 -16.91 -7.57
C PHE A 1072 22.90 -17.35 -6.72
N ASP A 1073 24.08 -17.47 -7.31
CA ASP A 1073 25.23 -17.92 -6.54
C ASP A 1073 25.54 -16.91 -5.45
N LYS A 1074 25.52 -15.63 -5.81
CA LYS A 1074 25.72 -14.57 -4.84
C LYS A 1074 24.57 -14.50 -3.84
N ILE A 1075 23.35 -14.57 -4.34
CA ILE A 1075 22.18 -14.48 -3.50
C ILE A 1075 22.13 -15.64 -2.51
N TYR A 1076 22.46 -16.83 -2.99
CA TYR A 1076 22.33 -18.05 -2.21
C TYR A 1076 23.16 -17.95 -0.94
N GLY A 1077 24.32 -17.34 -1.04
CA GLY A 1077 25.15 -17.20 0.14
C GLY A 1077 24.37 -16.43 1.18
N LEU A 1078 24.48 -16.89 2.42
CA LEU A 1078 23.78 -16.36 3.57
C LEU A 1078 22.43 -17.04 3.75
N ILE A 1079 22.05 -17.83 2.76
CA ILE A 1079 21.12 -18.92 2.94
C ILE A 1079 21.85 -20.23 3.15
N SER A 1080 22.87 -20.43 2.33
CA SER A 1080 23.33 -21.76 1.99
C SER A 1080 23.86 -22.56 3.15
N ASN A 1081 24.70 -21.96 3.97
CA ASN A 1081 25.18 -22.66 5.14
C ASN A 1081 24.04 -22.93 6.10
N ASP A 1082 23.20 -21.91 6.27
CA ASP A 1082 22.16 -21.97 7.27
C ASP A 1082 21.19 -23.08 6.98
N ILE A 1083 21.12 -23.51 5.73
CA ILE A 1083 20.25 -24.61 5.37
C ILE A 1083 20.67 -25.91 6.03
N LYS A 1084 21.98 -26.12 6.16
CA LYS A 1084 22.53 -27.39 6.61
C LYS A 1084 22.11 -27.83 8.00
N MET A 1085 22.08 -26.89 8.92
CA MET A 1085 21.84 -27.21 10.31
C MET A 1085 20.48 -27.80 10.61
N ALA A 1086 19.44 -27.31 9.98
CA ALA A 1086 18.10 -27.60 10.46
C ALA A 1086 17.79 -29.08 10.49
N ASP A 1087 17.35 -29.55 11.65
CA ASP A 1087 16.88 -30.92 11.78
C ASP A 1087 15.54 -31.01 11.11
N ALA A 1088 15.25 -32.13 10.48
CA ALA A 1088 13.95 -32.29 9.88
C ALA A 1088 13.08 -33.08 10.83
N LYS A 1089 12.08 -32.41 11.38
CA LYS A 1089 11.11 -33.02 12.27
C LYS A 1089 9.79 -33.05 11.55
N PHE A 1090 9.83 -33.56 10.35
CA PHE A 1090 8.86 -33.22 9.35
C PHE A 1090 7.77 -34.17 8.91
N LEU A 1091 7.99 -35.48 8.90
CA LEU A 1091 9.21 -36.11 9.28
C LEU A 1091 9.46 -36.23 10.78
N PHE A 1092 10.67 -35.88 11.18
CA PHE A 1092 11.34 -36.39 12.37
C PHE A 1092 10.53 -36.87 13.58
N ASN A 1093 9.55 -36.12 14.02
CA ASN A 1093 8.87 -36.47 15.24
C ASN A 1093 7.41 -36.61 15.05
N ILE A 1094 6.84 -37.57 15.74
CA ILE A 1094 5.40 -37.67 15.65
C ILE A 1094 4.86 -36.34 16.11
N ASP A 1095 5.56 -35.76 17.07
CA ASP A 1095 5.28 -34.40 17.50
C ASP A 1095 5.49 -33.47 16.32
N GLY A 1096 6.55 -33.67 15.56
CA GLY A 1096 6.80 -32.82 14.41
C GLY A 1096 5.75 -32.94 13.33
N LYS A 1097 5.38 -34.18 13.03
CA LYS A 1097 4.31 -34.46 12.09
C LYS A 1097 3.03 -33.93 12.67
N ASN A 1098 2.90 -34.08 13.97
CA ASN A 1098 1.74 -33.64 14.71
C ASN A 1098 1.57 -32.14 14.68
N ILE A 1099 2.66 -31.42 14.73
CA ILE A 1099 2.58 -29.98 14.84
C ILE A 1099 1.80 -29.45 13.63
N ARG A 1100 2.10 -29.94 12.44
CA ARG A 1100 1.41 -29.43 11.27
C ARG A 1100 -0.08 -29.74 11.26
N LYS A 1101 -0.43 -30.99 11.52
CA LYS A 1101 -1.80 -31.41 11.30
C LYS A 1101 -2.80 -30.76 12.23
N ASN A 1102 -2.47 -30.71 13.51
CA ASN A 1102 -3.40 -30.22 14.50
C ASN A 1102 -3.14 -28.81 14.92
N LYS A 1103 -1.88 -28.42 14.92
CA LYS A 1103 -1.45 -27.30 15.75
C LYS A 1103 -0.94 -25.96 15.19
N ILE A 1104 -0.50 -25.90 13.95
CA ILE A 1104 -0.04 -24.64 13.40
C ILE A 1104 -1.26 -23.75 13.40
N SER A 1105 -2.36 -24.38 13.05
CA SER A 1105 -3.65 -23.77 13.00
C SER A 1105 -4.19 -23.58 14.39
N GLU A 1106 -3.84 -24.45 15.30
CA GLU A 1106 -4.41 -24.35 16.63
C GLU A 1106 -4.04 -23.01 17.20
N ILE A 1107 -2.79 -22.61 17.02
CA ILE A 1107 -2.37 -21.29 17.44
C ILE A 1107 -3.08 -20.18 16.67
N ASP A 1108 -3.18 -20.35 15.35
CA ASP A 1108 -3.72 -19.32 14.51
C ASP A 1108 -5.13 -19.06 14.93
N ALA A 1109 -5.83 -20.15 15.18
CA ALA A 1109 -7.19 -20.05 15.64
C ALA A 1109 -7.15 -19.32 16.96
N ILE A 1110 -6.18 -19.64 17.82
CA ILE A 1110 -6.11 -18.98 19.12
C ILE A 1110 -5.75 -17.50 19.07
N LEU A 1111 -4.75 -17.16 18.29
CA LEU A 1111 -4.42 -15.77 18.09
C LEU A 1111 -5.59 -15.04 17.47
N LYS A 1112 -6.20 -15.63 16.45
CA LYS A 1112 -7.33 -14.93 15.80
C LYS A 1112 -8.35 -14.46 16.82
N ASN A 1113 -8.84 -15.35 17.66
CA ASN A 1113 -9.91 -14.97 18.57
C ASN A 1113 -9.46 -13.88 19.49
N LEU A 1114 -8.23 -14.00 19.95
CA LEU A 1114 -7.70 -13.01 20.86
C LEU A 1114 -7.61 -11.66 20.17
N ASN A 1115 -7.21 -11.65 18.91
CA ASN A 1115 -7.15 -10.40 18.18
C ASN A 1115 -8.54 -9.81 18.04
N ASP A 1116 -9.48 -10.64 17.67
CA ASP A 1116 -10.85 -10.18 17.46
C ASP A 1116 -11.46 -9.67 18.75
N LYS A 1117 -11.21 -10.38 19.84
CA LYS A 1117 -11.76 -9.97 21.12
C LYS A 1117 -11.20 -8.61 21.49
N LEU A 1118 -9.90 -8.46 21.27
CA LEU A 1118 -9.20 -7.23 21.62
C LEU A 1118 -9.50 -5.94 20.84
N ASN A 1119 -9.75 -6.05 19.56
CA ASN A 1119 -9.60 -4.93 18.65
C ASN A 1119 -10.43 -3.71 19.01
N GLY A 1120 -9.79 -2.57 18.89
CA GLY A 1120 -10.36 -1.27 19.21
C GLY A 1120 -10.10 -0.88 20.64
N TYR A 1121 -9.61 -1.81 21.44
CA TYR A 1121 -9.26 -1.49 22.81
C TYR A 1121 -7.92 -0.75 22.84
N SER A 1122 -7.73 0.09 23.83
CA SER A 1122 -6.51 0.88 23.88
C SER A 1122 -5.31 0.01 24.21
N LYS A 1123 -4.12 0.50 23.87
CA LYS A 1123 -2.90 -0.22 24.15
C LYS A 1123 -2.72 -0.40 25.64
N GLU A 1124 -3.09 0.62 26.41
CA GLU A 1124 -2.96 0.56 27.86
C GLU A 1124 -3.81 -0.55 28.45
N TYR A 1125 -5.03 -0.68 27.95
CA TYR A 1125 -5.95 -1.73 28.37
C TYR A 1125 -5.53 -3.11 27.93
N LYS A 1126 -5.10 -3.21 26.69
CA LYS A 1126 -4.75 -4.48 26.14
C LYS A 1126 -3.63 -5.02 26.95
N GLU A 1127 -2.75 -4.12 27.37
CA GLU A 1127 -1.55 -4.51 28.07
C GLU A 1127 -1.78 -5.24 29.39
N LYS A 1128 -2.65 -4.68 30.22
CA LYS A 1128 -3.10 -5.32 31.47
C LYS A 1128 -3.98 -6.53 31.30
N TYR A 1129 -4.93 -6.46 30.40
CA TYR A 1129 -5.84 -7.56 30.22
C TYR A 1129 -4.97 -8.73 29.85
N ILE A 1130 -3.99 -8.44 29.02
CA ILE A 1130 -2.99 -9.41 28.60
C ILE A 1130 -2.15 -9.89 29.78
N LYS A 1131 -1.75 -8.98 30.65
CA LYS A 1131 -1.04 -9.37 31.85
C LYS A 1131 -1.95 -10.18 32.75
N LYS A 1132 -3.20 -9.77 32.84
CA LYS A 1132 -4.14 -10.50 33.67
C LYS A 1132 -4.33 -11.91 33.14
N LEU A 1133 -4.38 -12.05 31.82
CA LEU A 1133 -4.45 -13.39 31.24
C LEU A 1133 -3.23 -14.25 31.50
N LYS A 1134 -2.05 -13.66 31.41
CA LYS A 1134 -0.86 -14.38 31.80
C LYS A 1134 -0.85 -14.73 33.28
N GLU A 1135 -1.17 -13.75 34.11
CA GLU A 1135 -1.11 -13.88 35.57
C GLU A 1135 -2.07 -14.88 36.22
N ASN A 1136 -3.32 -14.89 35.77
CA ASN A 1136 -4.35 -15.71 36.40
C ASN A 1136 -4.71 -16.88 35.51
N ASP A 1137 -4.27 -18.07 35.87
CA ASP A 1137 -4.45 -19.22 35.00
C ASP A 1137 -5.92 -19.54 34.77
N ASP A 1138 -6.73 -19.41 35.81
CA ASP A 1138 -8.14 -19.76 35.71
C ASP A 1138 -8.82 -18.87 34.69
N PHE A 1139 -8.44 -17.59 34.68
CA PHE A 1139 -8.98 -16.62 33.73
C PHE A 1139 -8.60 -16.97 32.29
N PHE A 1140 -7.35 -17.39 32.12
CA PHE A 1140 -6.82 -17.75 30.81
C PHE A 1140 -7.50 -18.95 30.20
N ALA A 1141 -8.01 -19.83 31.06
CA ALA A 1141 -8.45 -21.15 30.63
C ALA A 1141 -9.55 -21.11 29.60
N LYS A 1142 -10.45 -20.15 29.69
CA LYS A 1142 -11.55 -20.16 28.77
C LYS A 1142 -11.02 -20.05 27.36
N ASN A 1143 -10.08 -19.15 27.17
CA ASN A 1143 -9.57 -18.83 25.85
C ASN A 1143 -8.06 -18.91 25.71
N ILE A 1144 -7.57 -19.70 24.75
CA ILE A 1144 -8.41 -20.57 23.93
C ILE A 1144 -8.45 -22.00 24.45
N GLN A 1145 -7.27 -22.54 24.73
CA GLN A 1145 -7.11 -23.92 25.13
C GLN A 1145 -5.77 -24.11 25.79
N ASN A 1146 -5.55 -25.28 26.36
CA ASN A 1146 -4.28 -25.61 26.98
C ASN A 1146 -3.82 -24.60 28.03
N LYS A 1147 -4.75 -24.25 28.92
CA LYS A 1147 -4.56 -23.30 29.99
C LYS A 1147 -3.56 -23.90 30.95
N ASN A 1148 -2.64 -23.10 31.47
CA ASN A 1148 -2.61 -21.65 31.31
C ASN A 1148 -1.78 -21.14 30.14
N TYR A 1149 -1.45 -19.86 30.19
CA TYR A 1149 -0.69 -19.19 29.14
C TYR A 1149 0.68 -19.80 28.95
N LYS A 1150 1.28 -20.25 30.03
CA LYS A 1150 2.63 -20.80 29.95
C LYS A 1150 2.65 -22.02 29.03
N SER A 1151 1.62 -22.83 29.11
CA SER A 1151 1.50 -23.99 28.22
C SER A 1151 1.36 -23.59 26.77
N PHE A 1152 0.56 -22.56 26.52
CA PHE A 1152 0.35 -22.04 25.17
C PHE A 1152 1.65 -21.50 24.61
N GLU A 1153 2.40 -20.82 25.46
CA GLU A 1153 3.60 -20.12 25.03
C GLU A 1153 4.53 -21.14 24.45
N LYS A 1154 4.51 -22.32 25.04
CA LYS A 1154 5.45 -23.37 24.65
C LYS A 1154 5.01 -24.04 23.36
N ASP A 1155 3.70 -24.26 23.17
CA ASP A 1155 3.23 -24.67 21.84
C ASP A 1155 3.50 -23.60 20.76
N TYR A 1156 3.40 -22.31 21.10
CA TYR A 1156 3.71 -21.24 20.13
C TYR A 1156 5.13 -21.35 19.62
N ASN A 1157 6.09 -21.31 20.54
CA ASN A 1157 7.51 -21.49 20.17
C ASN A 1157 7.74 -22.82 19.46
N ARG A 1158 6.87 -23.80 19.73
CA ARG A 1158 7.00 -25.09 19.08
C ARG A 1158 6.72 -24.93 17.60
N VAL A 1159 5.58 -24.36 17.26
CA VAL A 1159 5.28 -24.06 15.85
C VAL A 1159 6.29 -23.04 15.29
N SER A 1160 6.56 -21.99 16.07
CA SER A 1160 7.61 -21.00 15.74
C SER A 1160 8.89 -21.77 15.37
N GLU A 1161 9.14 -22.90 16.00
CA GLU A 1161 10.34 -23.68 15.69
C GLU A 1161 10.18 -24.60 14.48
N TYR A 1162 8.97 -25.07 14.22
CA TYR A 1162 8.69 -25.84 12.99
C TYR A 1162 8.89 -24.94 11.78
N LYS A 1163 8.24 -23.78 11.78
CA LYS A 1163 8.28 -22.86 10.64
C LYS A 1163 9.68 -22.32 10.37
N LYS A 1164 10.48 -22.05 11.40
CA LYS A 1164 11.86 -21.61 11.14
C LYS A 1164 12.54 -22.60 10.18
N ILE A 1165 12.67 -23.85 10.58
CA ILE A 1165 13.36 -24.84 9.78
C ILE A 1165 12.72 -25.02 8.42
N ARG A 1166 11.41 -25.01 8.35
CA ARG A 1166 10.72 -25.33 7.12
C ARG A 1166 11.15 -24.34 6.06
N ASP A 1167 11.26 -23.06 6.42
CA ASP A 1167 11.54 -22.02 5.45
C ASP A 1167 12.88 -22.21 4.76
N LEU A 1168 13.89 -22.64 5.52
CA LEU A 1168 15.20 -22.88 4.94
C LEU A 1168 15.25 -24.06 3.99
N VAL A 1169 14.64 -25.17 4.38
CA VAL A 1169 14.77 -26.41 3.62
C VAL A 1169 14.03 -26.55 2.31
N GLU A 1170 13.12 -25.62 2.04
CA GLU A 1170 12.53 -25.48 0.72
C GLU A 1170 13.03 -24.15 0.15
N PHE A 1171 13.94 -23.50 0.87
CA PHE A 1171 14.54 -22.30 0.34
C PHE A 1171 13.52 -21.23 -0.01
N ASN A 1172 12.62 -20.98 0.92
CA ASN A 1172 11.69 -19.90 0.77
C ASN A 1172 12.41 -18.57 0.73
N TYR A 1173 13.59 -18.54 1.32
CA TYR A 1173 14.41 -17.33 1.31
C TYR A 1173 14.87 -16.87 -0.08
N LEU A 1174 15.19 -17.78 -0.97
CA LEU A 1174 15.39 -17.34 -2.34
C LEU A 1174 14.21 -16.45 -2.78
N ASN A 1175 12.99 -16.91 -2.56
CA ASN A 1175 11.85 -16.12 -3.02
C ASN A 1175 11.85 -14.75 -2.38
N LYS A 1176 12.04 -14.67 -1.08
CA LYS A 1176 12.05 -13.38 -0.43
C LYS A 1176 13.17 -12.51 -0.92
N ILE A 1177 14.37 -13.06 -1.01
CA ILE A 1177 15.49 -12.30 -1.50
C ILE A 1177 15.30 -11.93 -2.97
N GLU A 1178 14.90 -12.87 -3.81
CA GLU A 1178 14.76 -12.52 -5.21
C GLU A 1178 13.73 -11.39 -5.38
N SER A 1179 12.68 -11.39 -4.57
CA SER A 1179 11.68 -10.33 -4.59
C SER A 1179 12.23 -8.98 -4.16
N TYR A 1180 12.98 -8.99 -3.07
CA TYR A 1180 13.57 -7.74 -2.58
C TYR A 1180 14.40 -7.05 -3.68
N LEU A 1181 15.16 -7.86 -4.45
CA LEU A 1181 16.04 -7.31 -5.47
C LEU A 1181 15.25 -6.57 -6.57
N ILE A 1182 14.23 -7.20 -7.12
CA ILE A 1182 13.41 -6.56 -8.11
C ILE A 1182 12.61 -5.33 -7.63
N ASP A 1183 11.98 -5.39 -6.46
CA ASP A 1183 11.19 -4.25 -5.96
C ASP A 1183 12.04 -3.03 -5.68
N ILE A 1184 13.06 -3.22 -4.85
CA ILE A 1184 14.01 -2.17 -4.56
C ILE A 1184 14.57 -1.62 -5.85
N ASN A 1185 15.07 -2.46 -6.74
CA ASN A 1185 15.62 -1.94 -7.98
C ASN A 1185 14.57 -1.32 -8.84
N TRP A 1186 13.33 -1.70 -8.64
CA TRP A 1186 12.28 -1.17 -9.50
C TRP A 1186 11.88 0.23 -9.05
N LYS A 1187 11.76 0.43 -7.77
CA LYS A 1187 11.40 1.76 -7.27
C LYS A 1187 12.55 2.72 -7.48
N LEU A 1188 13.74 2.27 -7.22
CA LEU A 1188 14.87 3.07 -7.50
C LEU A 1188 14.90 3.37 -8.97
N ALA A 1189 14.31 2.53 -9.78
CA ALA A 1189 14.29 2.75 -11.21
C ALA A 1189 13.33 3.83 -11.62
N ILE A 1190 12.10 3.72 -11.15
CA ILE A 1190 11.11 4.76 -11.22
C ILE A 1190 11.73 6.11 -10.96
N GLN A 1191 12.67 6.16 -10.05
CA GLN A 1191 13.11 7.42 -9.51
C GLN A 1191 14.13 8.13 -10.32
N MET A 1192 14.97 7.38 -11.00
CA MET A 1192 15.86 7.98 -11.96
C MET A 1192 15.02 8.43 -13.11
N ALA A 1193 13.91 7.75 -13.34
CA ALA A 1193 13.03 8.12 -14.41
C ALA A 1193 12.28 9.36 -14.11
N ARG A 1194 11.96 9.58 -12.84
CA ARG A 1194 11.36 10.83 -12.41
C ARG A 1194 12.34 11.98 -12.59
N PHE A 1195 13.60 11.72 -12.28
CA PHE A 1195 14.62 12.73 -12.37
C PHE A 1195 14.78 13.16 -13.82
N GLU A 1196 14.75 12.19 -14.71
CA GLU A 1196 14.89 12.46 -16.13
C GLU A 1196 13.74 13.30 -16.66
N ARG A 1197 12.55 13.02 -16.17
CA ARG A 1197 11.35 13.77 -16.47
C ARG A 1197 11.46 15.19 -15.97
N ASP A 1198 12.04 15.36 -14.81
CA ASP A 1198 12.20 16.67 -14.18
C ASP A 1198 13.06 17.63 -14.97
N MET A 1199 14.12 17.10 -15.57
CA MET A 1199 15.05 17.91 -16.35
C MET A 1199 14.33 18.52 -17.53
N HIS A 1200 13.40 17.77 -18.11
CA HIS A 1200 12.60 18.30 -19.18
C HIS A 1200 11.82 19.47 -18.66
N TYR A 1201 11.29 19.34 -17.46
CA TYR A 1201 10.61 20.45 -16.81
C TYR A 1201 11.53 21.61 -16.48
N ILE A 1202 12.74 21.32 -16.01
CA ILE A 1202 13.68 22.39 -15.74
C ILE A 1202 14.11 23.12 -17.00
N VAL A 1203 14.40 22.39 -18.07
CA VAL A 1203 14.77 23.05 -19.31
C VAL A 1203 13.61 23.85 -19.88
N ASN A 1204 12.43 23.26 -19.90
CA ASN A 1204 11.30 23.94 -20.48
C ASN A 1204 10.93 25.16 -19.68
N GLY A 1205 10.96 25.02 -18.36
CA GLY A 1205 10.68 26.14 -17.49
C GLY A 1205 11.72 27.22 -17.59
N LEU A 1206 12.98 26.83 -17.63
CA LEU A 1206 14.05 27.79 -17.70
C LEU A 1206 13.94 28.55 -18.99
N ARG A 1207 13.62 27.84 -20.08
CA ARG A 1207 13.37 28.47 -21.38
C ARG A 1207 12.12 29.35 -21.46
N GLU A 1208 11.03 28.90 -20.84
CA GLU A 1208 9.77 29.62 -20.94
C GLU A 1208 9.85 31.01 -20.33
N LEU A 1209 10.46 31.10 -19.16
CA LEU A 1209 10.93 32.37 -18.64
C LEU A 1209 12.13 32.55 -19.52
N GLY A 1210 12.52 33.78 -19.84
CA GLY A 1210 13.67 33.95 -20.71
C GLY A 1210 14.95 33.89 -19.94
N ILE A 1211 15.30 32.75 -19.36
CA ILE A 1211 16.56 32.67 -18.65
C ILE A 1211 17.62 31.84 -19.36
N ILE A 1212 17.17 31.09 -20.35
CA ILE A 1212 18.04 30.24 -21.16
C ILE A 1212 17.53 30.29 -22.61
N LYS A 1213 18.40 30.02 -23.58
CA LYS A 1213 18.01 30.11 -24.98
C LYS A 1213 18.19 28.81 -25.75
N LEU A 1214 17.15 28.35 -26.43
CA LEU A 1214 17.20 27.12 -27.21
C LEU A 1214 16.88 27.38 -28.68
N SER A 1215 17.72 26.89 -29.58
CA SER A 1215 17.46 27.09 -31.01
C SER A 1215 16.90 25.90 -31.78
N GLY A 1216 16.68 24.77 -31.10
CA GLY A 1216 16.24 23.58 -31.82
C GLY A 1216 15.71 22.41 -31.01
N TYR A 1217 15.19 21.42 -31.73
CA TYR A 1217 14.94 20.11 -31.14
C TYR A 1217 15.79 19.06 -31.86
N ASN A 1218 16.53 18.26 -31.10
CA ASN A 1218 17.19 17.09 -31.63
C ASN A 1218 16.29 15.91 -31.36
N THR A 1219 15.29 15.75 -32.22
CA THR A 1219 14.30 14.71 -32.01
C THR A 1219 15.01 13.38 -32.12
N GLY A 1220 14.54 12.40 -31.39
CA GLY A 1220 15.21 11.12 -31.38
C GLY A 1220 16.33 11.03 -30.36
N ILE A 1221 16.51 12.06 -29.55
CA ILE A 1221 17.36 11.94 -28.39
C ILE A 1221 16.45 12.00 -27.18
N SER A 1222 16.39 10.93 -26.41
CA SER A 1222 15.48 10.90 -25.29
C SER A 1222 15.84 11.88 -24.17
N ARG A 1223 17.10 11.93 -23.84
CA ARG A 1223 17.56 12.67 -22.67
C ARG A 1223 17.47 14.16 -22.88
N ALA A 1224 17.21 14.89 -21.81
CA ALA A 1224 17.08 16.32 -21.87
C ALA A 1224 18.39 17.04 -21.64
N TYR A 1225 19.44 16.33 -21.27
CA TYR A 1225 20.70 16.99 -20.94
C TYR A 1225 21.84 16.34 -21.70
N PRO A 1226 22.93 17.06 -21.89
CA PRO A 1226 23.96 16.59 -22.80
C PRO A 1226 25.18 16.21 -22.06
N LYS A 1227 25.95 15.32 -22.69
CA LYS A 1227 27.24 14.88 -22.20
C LYS A 1227 28.33 15.81 -22.66
N ARG A 1228 29.42 15.81 -21.91
CA ARG A 1228 30.59 16.60 -22.28
C ARG A 1228 31.42 15.79 -23.28
N ASN A 1229 30.85 14.68 -23.75
CA ASN A 1229 31.54 13.79 -24.66
C ASN A 1229 31.88 14.56 -25.92
N GLY A 1230 30.97 15.42 -26.35
CA GLY A 1230 31.32 16.43 -27.32
C GLY A 1230 31.90 15.81 -28.57
N SER A 1231 33.10 16.25 -28.97
CA SER A 1231 33.87 17.27 -28.28
C SER A 1231 33.27 18.68 -28.28
N ASP A 1232 32.76 19.10 -29.42
CA ASP A 1232 32.27 20.46 -29.58
C ASP A 1232 30.88 20.36 -30.14
N GLY A 1233 30.02 21.34 -29.90
CA GLY A 1233 28.67 21.11 -30.36
C GLY A 1233 27.99 19.94 -29.69
N PHE A 1234 28.56 19.49 -28.59
CA PHE A 1234 27.93 18.43 -27.83
C PHE A 1234 26.59 18.96 -27.33
N TYR A 1235 26.59 20.22 -26.93
CA TYR A 1235 25.41 20.85 -26.36
C TYR A 1235 24.24 20.90 -27.33
N THR A 1236 24.49 21.13 -28.61
CA THR A 1236 23.42 20.99 -29.59
C THR A 1236 23.35 19.61 -30.23
N THR A 1237 24.25 18.72 -29.84
CA THR A 1237 24.17 17.34 -30.31
C THR A 1237 23.74 16.29 -29.29
N THR A 1238 24.20 16.42 -28.05
CA THR A 1238 23.89 15.43 -27.03
C THR A 1238 22.44 15.30 -26.59
N ALA A 1239 21.74 16.43 -26.50
CA ALA A 1239 20.46 16.49 -25.83
C ALA A 1239 19.30 16.63 -26.77
N TYR A 1240 18.12 16.36 -26.26
CA TYR A 1240 16.88 16.55 -26.99
C TYR A 1240 16.69 18.02 -27.35
N TYR A 1241 16.93 18.90 -26.40
CA TYR A 1241 16.88 20.32 -26.69
C TYR A 1241 18.19 20.77 -27.30
N LYS A 1242 18.18 21.89 -28.01
CA LYS A 1242 19.40 22.43 -28.59
C LYS A 1242 19.73 23.78 -27.97
N PHE A 1243 20.95 23.92 -27.47
CA PHE A 1243 21.38 25.15 -26.84
C PHE A 1243 22.16 26.01 -27.83
N PHE A 1244 21.95 27.32 -27.76
CA PHE A 1244 22.57 28.26 -28.69
C PHE A 1244 24.09 28.37 -28.65
N ASP A 1245 24.66 28.47 -27.46
CA ASP A 1245 26.10 28.72 -27.32
C ASP A 1245 26.57 28.23 -25.98
N GLU A 1246 27.87 28.08 -25.76
CA GLU A 1246 28.22 27.49 -24.53
C GLU A 1246 27.45 28.28 -23.50
N GLU A 1247 27.49 29.58 -23.61
CA GLU A 1247 26.85 30.37 -22.58
C GLU A 1247 25.51 29.76 -22.17
N SER A 1248 24.66 29.46 -23.13
CA SER A 1248 23.36 28.83 -22.83
C SER A 1248 23.57 27.59 -21.92
N TYR A 1249 24.36 26.63 -22.40
CA TYR A 1249 24.62 25.49 -21.56
C TYR A 1249 25.38 25.88 -20.29
N LYS A 1250 26.37 26.73 -20.43
CA LYS A 1250 27.15 27.11 -19.24
C LYS A 1250 26.27 27.73 -18.17
N LYS A 1251 25.29 28.53 -18.61
CA LYS A 1251 24.29 29.13 -17.72
C LYS A 1251 23.35 28.05 -17.16
N PHE A 1252 22.89 27.16 -18.03
CA PHE A 1252 22.00 26.07 -17.63
C PHE A 1252 22.64 25.23 -16.53
N GLU A 1253 23.79 24.64 -16.84
CA GLU A 1253 24.54 23.86 -15.89
C GLU A 1253 24.71 24.59 -14.55
N LYS A 1254 24.82 25.92 -14.59
CA LYS A 1254 25.02 26.68 -13.36
C LYS A 1254 23.73 26.82 -12.57
N ILE A 1255 22.63 27.14 -13.25
CA ILE A 1255 21.37 27.30 -12.56
C ILE A 1255 21.03 25.96 -11.95
N CYS A 1256 21.29 24.91 -12.70
CA CYS A 1256 21.06 23.57 -12.22
C CYS A 1256 21.88 23.26 -10.98
N TYR A 1257 23.15 23.61 -11.00
CA TYR A 1257 24.04 23.33 -9.88
C TYR A 1257 23.51 24.03 -8.65
N GLY A 1258 22.80 25.12 -8.87
CA GLY A 1258 22.22 25.88 -7.79
C GLY A 1258 21.22 25.04 -7.03
N PHE A 1259 20.50 24.19 -7.74
CA PHE A 1259 19.46 23.36 -7.15
C PHE A 1259 19.97 22.02 -6.68
N GLY A 1260 21.27 21.78 -6.76
CA GLY A 1260 21.81 20.52 -6.34
C GLY A 1260 21.94 19.50 -7.44
N ILE A 1261 21.81 19.93 -8.68
CA ILE A 1261 22.00 19.03 -9.80
C ILE A 1261 23.35 19.30 -10.44
N ASP A 1262 24.22 18.30 -10.41
CA ASP A 1262 25.56 18.49 -10.91
C ASP A 1262 25.66 17.92 -12.30
N LEU A 1263 25.71 18.80 -13.28
CA LEU A 1263 25.67 18.41 -14.67
C LEU A 1263 27.03 18.38 -15.34
N SER A 1264 28.07 18.70 -14.59
CA SER A 1264 29.40 18.72 -15.16
C SER A 1264 30.08 17.41 -14.85
N GLU A 1265 30.54 16.74 -15.89
CA GLU A 1265 31.17 15.44 -15.76
C GLU A 1265 32.47 15.56 -14.98
N ASN A 1266 32.81 14.56 -14.18
CA ASN A 1266 31.97 13.40 -13.94
C ASN A 1266 31.32 13.68 -12.62
N SER A 1267 30.00 13.76 -12.61
CA SER A 1267 29.29 14.17 -11.43
C SER A 1267 28.16 13.22 -11.14
N GLU A 1268 28.51 12.02 -10.73
CA GLU A 1268 27.52 11.06 -10.31
C GLU A 1268 26.72 10.52 -11.47
N ILE A 1269 26.03 11.38 -12.20
CA ILE A 1269 25.34 10.93 -13.40
C ILE A 1269 26.27 10.49 -14.52
N ASN A 1270 27.34 11.24 -14.75
CA ASN A 1270 28.17 11.06 -15.93
C ASN A 1270 29.43 10.21 -15.80
N LYS A 1271 29.67 9.64 -14.63
CA LYS A 1271 30.85 8.82 -14.46
C LYS A 1271 30.76 7.77 -15.55
N PRO A 1272 31.88 7.31 -16.08
CA PRO A 1272 31.88 6.77 -17.44
C PRO A 1272 30.99 5.56 -17.76
N GLU A 1273 31.00 4.50 -16.96
CA GLU A 1273 30.15 3.36 -17.26
C GLU A 1273 29.78 2.70 -15.96
N ASN A 1274 28.53 2.79 -15.57
CA ASN A 1274 28.08 2.07 -14.39
C ASN A 1274 28.66 2.72 -13.16
N GLU A 1275 29.28 3.87 -13.33
CA GLU A 1275 29.81 4.57 -12.19
C GLU A 1275 28.83 5.63 -11.74
N SER A 1276 27.96 6.05 -12.65
CA SER A 1276 26.90 6.99 -12.31
C SER A 1276 25.81 6.25 -11.61
N ILE A 1277 25.16 6.88 -10.66
CA ILE A 1277 24.09 6.22 -10.00
C ILE A 1277 23.08 5.97 -11.07
N ARG A 1278 22.93 6.89 -12.01
CA ARG A 1278 21.89 6.77 -12.99
C ARG A 1278 22.06 5.45 -13.68
N ASN A 1279 23.18 5.27 -14.34
CA ASN A 1279 23.40 4.07 -15.11
C ASN A 1279 23.36 2.79 -14.33
N TYR A 1280 23.78 2.80 -13.08
CA TYR A 1280 23.79 1.57 -12.32
C TYR A 1280 22.40 1.07 -12.04
N ILE A 1281 21.50 1.98 -11.69
CA ILE A 1281 20.15 1.58 -11.36
C ILE A 1281 19.31 1.35 -12.58
N SER A 1282 19.35 2.28 -13.50
CA SER A 1282 18.53 2.21 -14.68
C SER A 1282 18.86 1.02 -15.58
N HIS A 1283 20.05 0.45 -15.44
CA HIS A 1283 20.37 -0.78 -16.13
C HIS A 1283 20.09 -2.04 -15.30
N PHE A 1284 19.50 -1.82 -14.12
CA PHE A 1284 18.98 -2.92 -13.31
C PHE A 1284 20.07 -3.81 -12.75
N TYR A 1285 21.18 -3.22 -12.33
CA TYR A 1285 22.28 -4.02 -11.80
C TYR A 1285 22.11 -4.32 -10.31
N ILE A 1286 20.91 -4.23 -9.75
CA ILE A 1286 20.73 -4.75 -8.41
C ILE A 1286 20.10 -6.13 -8.49
N VAL A 1287 19.39 -6.45 -9.55
CA VAL A 1287 18.87 -7.81 -9.75
C VAL A 1287 19.93 -8.73 -10.40
N ARG A 1288 20.48 -8.30 -11.52
CA ARG A 1288 21.52 -9.03 -12.24
C ARG A 1288 22.90 -9.22 -11.57
N ASN A 1289 23.44 -8.18 -10.92
CA ASN A 1289 24.77 -8.29 -10.32
C ASN A 1289 24.87 -7.73 -8.90
N PRO A 1290 24.15 -8.43 -7.93
CA PRO A 1290 24.19 -7.80 -6.60
C PRO A 1290 25.54 -7.90 -5.91
N PHE A 1291 25.89 -6.87 -5.16
CA PHE A 1291 27.05 -6.88 -4.27
C PHE A 1291 28.36 -6.58 -4.96
N ALA A 1292 28.31 -6.35 -6.27
CA ALA A 1292 29.52 -6.10 -7.00
C ALA A 1292 29.84 -4.62 -6.95
N ASP A 1293 31.04 -4.29 -6.49
CA ASP A 1293 31.45 -2.91 -6.41
C ASP A 1293 30.81 -2.11 -5.29
N TYR A 1294 29.48 -2.06 -5.27
CA TYR A 1294 28.78 -1.18 -4.34
C TYR A 1294 27.74 -1.87 -3.46
N SER A 1295 27.62 -1.37 -2.24
CA SER A 1295 26.59 -1.78 -1.32
C SER A 1295 25.25 -1.30 -1.85
N ILE A 1296 24.20 -2.07 -1.64
CA ILE A 1296 22.89 -1.64 -2.06
C ILE A 1296 22.60 -0.37 -1.28
N ALA A 1297 23.03 -0.37 -0.02
CA ALA A 1297 22.90 0.79 0.84
C ALA A 1297 23.69 1.98 0.31
N GLU A 1298 24.88 1.73 -0.23
CA GLU A 1298 25.68 2.79 -0.77
C GLU A 1298 24.88 3.50 -1.79
N GLN A 1299 24.10 2.75 -2.53
CA GLN A 1299 23.40 3.24 -3.72
C GLN A 1299 22.06 3.85 -3.38
N ILE A 1300 21.35 3.22 -2.45
CA ILE A 1300 20.20 3.85 -1.84
C ILE A 1300 20.61 5.22 -1.31
N ASP A 1301 21.78 5.32 -0.69
CA ASP A 1301 22.26 6.65 -0.32
C ASP A 1301 22.45 7.54 -1.55
N ARG A 1302 23.14 7.03 -2.55
CA ARG A 1302 23.50 7.86 -3.68
C ARG A 1302 22.31 8.28 -4.60
N VAL A 1303 21.13 7.66 -4.48
CA VAL A 1303 19.98 8.25 -5.18
C VAL A 1303 19.28 9.24 -4.29
N SER A 1304 19.12 8.89 -3.02
CA SER A 1304 18.56 9.80 -2.02
C SER A 1304 19.26 11.14 -2.02
N ASN A 1305 20.47 11.22 -2.59
CA ASN A 1305 21.16 12.49 -2.76
C ASN A 1305 20.96 13.12 -4.09
N LEU A 1306 20.96 12.30 -5.13
CA LEU A 1306 20.68 12.85 -6.45
C LEU A 1306 19.33 13.57 -6.49
N LEU A 1307 18.40 13.15 -5.64
CA LEU A 1307 17.06 13.73 -5.59
C LEU A 1307 16.96 14.79 -4.51
N SER A 1308 18.10 15.31 -4.02
CA SER A 1308 18.05 16.21 -2.88
C SER A 1308 17.86 17.62 -3.36
N TYR A 1309 17.75 17.78 -4.69
CA TYR A 1309 17.40 19.05 -5.33
C TYR A 1309 15.96 19.49 -5.14
N SER A 1310 15.14 18.69 -4.45
CA SER A 1310 13.72 18.98 -4.35
C SER A 1310 13.15 18.38 -3.10
N THR A 1311 12.98 19.24 -2.09
CA THR A 1311 12.61 18.81 -0.75
C THR A 1311 11.44 17.85 -0.80
N ARG A 1312 10.58 17.99 -1.83
CA ARG A 1312 9.43 17.10 -1.95
C ARG A 1312 9.84 15.63 -1.77
N TYR A 1313 11.06 15.31 -2.21
CA TYR A 1313 11.51 13.94 -2.29
C TYR A 1313 12.28 13.49 -1.08
N ASN A 1314 12.20 14.25 0.00
CA ASN A 1314 13.04 14.02 1.15
C ASN A 1314 12.69 12.72 1.78
N ASN A 1315 13.69 11.86 1.91
CA ASN A 1315 13.49 10.50 2.40
C ASN A 1315 12.44 9.70 1.59
N SER A 1316 12.11 10.21 0.39
CA SER A 1316 11.38 9.46 -0.64
C SER A 1316 12.05 8.07 -0.87
N THR A 1317 13.36 8.08 -1.12
CA THR A 1317 14.10 6.84 -1.36
C THR A 1317 14.06 5.87 -0.15
N TYR A 1318 14.66 6.29 0.97
CA TYR A 1318 14.64 5.51 2.20
C TYR A 1318 13.29 4.87 2.45
N ALA A 1319 12.25 5.69 2.56
CA ALA A 1319 10.90 5.18 2.75
C ALA A 1319 10.56 4.17 1.68
N SER A 1320 10.63 4.58 0.43
CA SER A 1320 10.38 3.65 -0.69
C SER A 1320 10.98 2.25 -0.40
N VAL A 1321 12.26 2.18 -0.13
CA VAL A 1321 12.94 0.91 0.06
C VAL A 1321 12.39 0.12 1.26
N PHE A 1322 12.56 0.64 2.45
CA PHE A 1322 12.24 -0.13 3.64
C PHE A 1322 10.81 -0.64 3.65
N GLU A 1323 9.93 -0.08 2.84
CA GLU A 1323 8.61 -0.69 2.71
C GLU A 1323 8.63 -1.97 1.90
N VAL A 1324 9.72 -2.25 1.23
CA VAL A 1324 9.88 -3.56 0.62
C VAL A 1324 9.95 -4.64 1.73
N PHE A 1325 10.48 -4.28 2.90
CA PHE A 1325 10.57 -5.17 4.06
C PHE A 1325 9.45 -4.98 5.11
N LYS A 1326 8.48 -4.09 4.89
CA LYS A 1326 7.41 -3.80 5.88
C LYS A 1326 6.78 -5.09 6.42
N LYS A 1327 6.62 -6.07 5.54
CA LYS A 1327 5.89 -7.29 5.86
C LYS A 1327 6.66 -8.20 6.85
N ASP A 1328 8.00 -8.17 6.81
CA ASP A 1328 8.87 -9.07 7.58
C ASP A 1328 9.84 -8.40 8.54
N VAL A 1329 9.70 -7.11 8.80
CA VAL A 1329 10.33 -6.48 9.97
C VAL A 1329 9.33 -5.49 10.55
N ASN A 1330 9.67 -4.91 11.70
CA ASN A 1330 8.83 -3.89 12.28
C ASN A 1330 9.41 -2.50 12.15
N LEU A 1331 9.29 -1.94 10.96
CA LEU A 1331 9.74 -0.57 10.68
C LEU A 1331 9.32 0.42 11.75
N ASP A 1332 10.31 1.11 12.31
CA ASP A 1332 10.09 2.30 13.12
C ASP A 1332 9.85 3.48 12.16
N TYR A 1333 8.59 3.87 11.96
CA TYR A 1333 8.32 4.99 11.05
C TYR A 1333 8.82 6.31 11.60
N ASP A 1334 8.70 6.52 12.89
CA ASP A 1334 9.27 7.73 13.51
C ASP A 1334 10.71 7.92 13.09
N GLU A 1335 11.52 6.89 13.20
CA GLU A 1335 12.96 7.02 12.93
C GLU A 1335 13.28 6.95 11.46
N LEU A 1336 12.28 6.65 10.64
CA LEU A 1336 12.42 6.82 9.19
C LEU A 1336 12.03 8.24 8.72
N LYS A 1337 11.54 9.09 9.64
CA LYS A 1337 11.18 10.48 9.36
C LYS A 1337 12.38 11.44 9.49
N LYS A 1338 13.37 11.04 10.28
CA LYS A 1338 14.61 11.78 10.47
C LYS A 1338 15.64 11.65 9.35
N LYS A 1339 16.64 12.52 9.39
CA LYS A 1339 17.67 12.59 8.35
C LYS A 1339 18.76 11.60 8.65
N PHE A 1340 19.27 10.92 7.65
CA PHE A 1340 20.32 9.98 7.91
C PHE A 1340 20.92 9.49 6.64
N LYS A 1341 22.17 9.07 6.72
CA LYS A 1341 22.78 8.31 5.66
C LYS A 1341 23.01 6.95 6.25
N LEU A 1342 22.41 5.91 5.67
CA LEU A 1342 22.71 4.54 6.07
C LEU A 1342 24.14 4.14 5.77
N ILE A 1343 24.57 4.45 4.56
CA ILE A 1343 25.79 3.87 4.01
C ILE A 1343 27.01 4.21 4.82
N GLY A 1344 27.10 5.45 5.27
CA GLY A 1344 28.26 5.89 5.99
C GLY A 1344 28.02 5.88 7.48
N ASN A 1345 28.93 5.27 8.21
CA ASN A 1345 28.81 5.25 9.65
C ASN A 1345 27.46 4.63 9.99
N ASN A 1346 26.73 5.31 10.85
CA ASN A 1346 25.35 4.94 11.11
C ASN A 1346 25.19 3.43 11.20
N ASP A 1347 26.12 2.78 11.88
CA ASP A 1347 26.05 1.35 12.11
C ASP A 1347 24.79 1.11 12.92
N ILE A 1348 24.53 2.06 13.80
CA ILE A 1348 23.42 2.04 14.73
C ILE A 1348 22.10 2.10 13.97
N LEU A 1349 22.19 2.45 12.70
CA LEU A 1349 21.10 3.01 11.91
C LEU A 1349 19.85 2.16 11.86
N GLU A 1350 20.00 0.84 11.77
CA GLU A 1350 18.82 -0.01 11.85
C GLU A 1350 18.79 -0.83 13.14
N ARG A 1351 17.93 -0.50 14.09
CA ARG A 1351 17.30 0.82 14.28
C ARG A 1351 16.18 1.26 13.32
N LEU A 1352 16.46 1.33 12.03
CA LEU A 1352 15.42 1.61 11.07
C LEU A 1352 14.41 0.49 11.16
N MET A 1353 14.90 -0.72 11.36
CA MET A 1353 14.05 -1.89 11.38
C MET A 1353 14.19 -2.63 12.69
N LYS A 1354 13.07 -3.10 13.22
CA LYS A 1354 13.03 -3.79 14.49
C LYS A 1354 12.39 -5.13 14.24
N PRO A 1355 12.60 -6.09 15.12
CA PRO A 1355 12.09 -7.44 14.89
C PRO A 1355 10.58 -7.48 14.92
N LYS A 1356 9.99 -8.28 14.04
CA LYS A 1356 8.53 -8.39 13.95
C LYS A 1356 7.79 -8.99 15.16
N LYS A 1357 6.59 -8.51 15.41
CA LYS A 1357 5.80 -9.02 16.52
C LYS A 1357 4.47 -9.47 15.98
N VAL A 1358 3.90 -10.45 16.65
CA VAL A 1358 2.55 -10.85 16.54
C VAL A 1358 2.12 -11.59 17.77
N SER A 1359 0.83 -11.53 17.92
CA SER A 1359 -0.03 -12.12 18.92
C SER A 1359 -0.58 -11.06 19.82
N VAL A 1360 0.03 -9.89 19.75
CA VAL A 1360 -0.52 -8.73 20.34
C VAL A 1360 -0.88 -8.76 21.85
N LEU A 1361 -0.07 -9.29 22.77
CA LEU A 1361 1.00 -10.30 22.70
C LEU A 1361 2.37 -9.99 22.07
N GLU A 1362 2.40 -9.62 20.80
CA GLU A 1362 3.65 -9.22 20.19
C GLU A 1362 4.69 -10.33 20.34
N LEU A 1363 4.26 -11.57 20.20
CA LEU A 1363 5.19 -12.69 20.30
C LEU A 1363 6.19 -12.63 19.17
N GLU A 1364 7.43 -13.02 19.42
CA GLU A 1364 8.44 -12.98 18.39
C GLU A 1364 8.23 -13.96 17.27
N SER A 1365 8.38 -13.50 16.04
CA SER A 1365 7.90 -14.21 14.87
C SER A 1365 8.76 -15.40 14.67
N TYR A 1366 8.27 -16.35 13.90
CA TYR A 1366 8.98 -17.60 13.75
C TYR A 1366 10.34 -17.32 13.17
N ASN A 1367 10.37 -16.39 12.23
CA ASN A 1367 11.64 -15.94 11.70
C ASN A 1367 11.70 -14.43 11.79
N SER A 1368 11.91 -13.91 12.99
CA SER A 1368 11.99 -12.47 13.15
C SER A 1368 13.43 -12.00 13.12
N ASP A 1369 14.25 -12.61 13.96
CA ASP A 1369 15.66 -12.28 13.99
C ASP A 1369 16.38 -12.65 12.71
N TYR A 1370 16.08 -13.85 12.21
CA TYR A 1370 16.80 -14.32 11.04
C TYR A 1370 16.54 -13.48 9.83
N ILE A 1371 15.27 -13.18 9.60
CA ILE A 1371 14.89 -12.42 8.43
C ILE A 1371 15.38 -10.98 8.48
N LYS A 1372 15.28 -10.37 9.65
CA LYS A 1372 15.72 -9.00 9.84
C LYS A 1372 17.22 -8.83 9.62
N ASN A 1373 17.99 -9.74 10.16
CA ASN A 1373 19.43 -9.81 9.90
C ASN A 1373 19.78 -10.21 8.47
N LEU A 1374 19.06 -11.19 7.94
CA LEU A 1374 19.17 -11.52 6.51
C LEU A 1374 19.07 -10.25 5.65
N ILE A 1375 18.12 -9.38 5.96
CA ILE A 1375 17.97 -8.15 5.23
C ILE A 1375 19.22 -7.27 5.45
N ILE A 1376 19.57 -7.05 6.71
CA ILE A 1376 20.76 -6.26 7.05
C ILE A 1376 21.99 -6.67 6.22
N GLU A 1377 22.37 -7.95 6.32
CA GLU A 1377 23.39 -8.49 5.44
C GLU A 1377 23.20 -8.03 3.99
N LEU A 1378 22.01 -8.26 3.45
CA LEU A 1378 21.70 -8.01 2.04
C LEU A 1378 22.09 -6.60 1.60
N LEU A 1379 21.53 -5.61 2.30
CA LEU A 1379 21.80 -4.20 2.02
C LEU A 1379 23.32 -3.92 2.07
N THR A 1380 23.95 -4.24 3.19
CA THR A 1380 25.35 -3.85 3.47
C THR A 1380 26.40 -4.62 2.69
N LYS A 1381 26.21 -5.92 2.52
CA LYS A 1381 27.18 -6.75 1.87
C LYS A 1381 27.75 -6.02 0.70
N ILE A 1382 29.07 -6.00 0.61
CA ILE A 1382 29.71 -5.19 -0.39
C ILE A 1382 30.77 -5.92 -1.21
N GLU A 1383 31.14 -7.12 -0.82
CA GLU A 1383 32.08 -7.89 -1.59
C GLU A 1383 31.45 -8.42 -2.86
#